data_1D16
# 
_entry.id   1D16 
# 
_audit_conform.dict_name       mmcif_pdbx.dic 
_audit_conform.dict_version    5.385 
_audit_conform.dict_location   http://mmcif.pdb.org/dictionaries/ascii/mmcif_pdbx.dic 
# 
loop_
_database_2.database_id 
_database_2.database_code 
_database_2.pdbx_database_accession 
_database_2.pdbx_DOI 
PDB   1D16         pdb_00001d16 10.2210/pdb1d16/pdb 
RCSB  UDP011       ?            ?                   
WWPDB D_1000172621 ?            ?                   
# 
loop_
_pdbx_audit_revision_history.ordinal 
_pdbx_audit_revision_history.data_content_type 
_pdbx_audit_revision_history.major_revision 
_pdbx_audit_revision_history.minor_revision 
_pdbx_audit_revision_history.revision_date 
1 'Structure model' 1 0 1989-01-09 
2 'Structure model' 1 1 2008-05-22 
3 'Structure model' 1 2 2011-07-13 
4 'Structure model' 1 3 2024-02-07 
# 
_pdbx_audit_revision_details.ordinal             1 
_pdbx_audit_revision_details.revision_ordinal    1 
_pdbx_audit_revision_details.data_content_type   'Structure model' 
_pdbx_audit_revision_details.provider            repository 
_pdbx_audit_revision_details.type                'Initial release' 
_pdbx_audit_revision_details.description         ? 
_pdbx_audit_revision_details.details             ? 
# 
loop_
_pdbx_audit_revision_group.ordinal 
_pdbx_audit_revision_group.revision_ordinal 
_pdbx_audit_revision_group.data_content_type 
_pdbx_audit_revision_group.group 
1 2 'Structure model' 'Version format compliance' 
2 3 'Structure model' 'Version format compliance' 
3 4 'Structure model' 'Data collection'           
4 4 'Structure model' 'Database references'       
# 
loop_
_pdbx_audit_revision_category.ordinal 
_pdbx_audit_revision_category.revision_ordinal 
_pdbx_audit_revision_category.data_content_type 
_pdbx_audit_revision_category.category 
1 4 'Structure model' chem_comp_atom 
2 4 'Structure model' chem_comp_bond 
3 4 'Structure model' database_2     
# 
loop_
_pdbx_audit_revision_item.ordinal 
_pdbx_audit_revision_item.revision_ordinal 
_pdbx_audit_revision_item.data_content_type 
_pdbx_audit_revision_item.item 
1 4 'Structure model' '_database_2.pdbx_DOI'                
2 4 'Structure model' '_database_2.pdbx_database_accession' 
# 
_pdbx_database_status.status_code                     REL 
_pdbx_database_status.entry_id                        1D16 
_pdbx_database_status.recvd_initial_deposition_date   1988-04-12 
_pdbx_database_status.deposit_site                    BNL 
_pdbx_database_status.process_site                    BNL 
_pdbx_database_status.status_code_sf                  REL 
_pdbx_database_status.status_code_mr                  ? 
_pdbx_database_status.SG_entry                        ? 
_pdbx_database_status.pdb_format_compatible           Y 
_pdbx_database_status.status_code_cs                  ? 
_pdbx_database_status.status_code_nmr_data            ? 
_pdbx_database_status.methods_development_category    ? 
# 
loop_
_audit_author.name 
_audit_author.pdbx_ordinal 
'Chattopadhyaya, R.' 1 
'Grzeskowiak, K.'    2 
'Dickerson, R.E.'    3 
# 
loop_
_citation.id 
_citation.title 
_citation.journal_abbrev 
_citation.journal_volume 
_citation.page_first 
_citation.page_last 
_citation.year 
_citation.journal_id_ASTM 
_citation.country 
_citation.journal_id_ISSN 
_citation.journal_id_CSD 
_citation.book_publisher 
_citation.pdbx_database_id_PubMed 
_citation.pdbx_database_id_DOI 
primary 'Structure of a T4 hairpin loop on a Z-DNA stem and comparison with A-RNA and B-DNA loops.' J.Mol.Biol. 211 189 210 1990 
JMOBAK UK 0022-2836 0070 ? 2299669 '10.1016/0022-2836(90)90020-M' 
1       'X-Ray Structure of a DNA Hairpin Molecule'                                                 Nature      334 175 179 1988 
NATUAS UK 0028-0836 0006 ? ?       ?                              
# 
loop_
_citation_author.citation_id 
_citation_author.name 
_citation_author.ordinal 
_citation_author.identifier_ORCID 
primary 'Chattopadhyaya, R.' 1 ? 
primary 'Grzeskowiak, K.'    2 ? 
primary 'Dickerson, R.E.'    3 ? 
1       'Chattopadhyaya, R.' 4 ? 
1       'Ikuta, S.'          5 ? 
1       'Grzeskowiak, K.'    6 ? 
1       'Dickerson., R.E.'   7 ? 
# 
loop_
_entity.id 
_entity.type 
_entity.src_method 
_entity.pdbx_description 
_entity.formula_weight 
_entity.pdbx_number_of_molecules 
_entity.pdbx_ec 
_entity.pdbx_mutation 
_entity.pdbx_fragment 
_entity.details 
1 polymer syn 
;DNA (5'-D(*CP*GP*CP*GP*CP*GP*TP*TP*TP*TP*CP*GP*CP*GP*CP*G)-3')
;
4882.139 1  ? ? ? ? 
2 water   nat water                                                            18.015   70 ? ? ? ? 
# 
_entity_poly.entity_id                      1 
_entity_poly.type                           polydeoxyribonucleotide 
_entity_poly.nstd_linkage                   no 
_entity_poly.nstd_monomer                   no 
_entity_poly.pdbx_seq_one_letter_code       '(DC)(DG)(DC)(DG)(DC)(DG)(DT)(DT)(DT)(DT)(DC)(DG)(DC)(DG)(DC)(DG)' 
_entity_poly.pdbx_seq_one_letter_code_can   CGCGCGTTTTCGCGCG 
_entity_poly.pdbx_strand_id                 A 
_entity_poly.pdbx_target_identifier         ? 
# 
_pdbx_entity_nonpoly.entity_id   2 
_pdbx_entity_nonpoly.name        water 
_pdbx_entity_nonpoly.comp_id     HOH 
# 
loop_
_entity_poly_seq.entity_id 
_entity_poly_seq.num 
_entity_poly_seq.mon_id 
_entity_poly_seq.hetero 
1 1  DC n 
1 2  DG n 
1 3  DC n 
1 4  DG n 
1 5  DC n 
1 6  DG n 
1 7  DT n 
1 8  DT n 
1 9  DT n 
1 10 DT n 
1 11 DC n 
1 12 DG n 
1 13 DC n 
1 14 DG n 
1 15 DC n 
1 16 DG n 
# 
loop_
_chem_comp.id 
_chem_comp.type 
_chem_comp.mon_nstd_flag 
_chem_comp.name 
_chem_comp.pdbx_synonyms 
_chem_comp.formula 
_chem_comp.formula_weight 
DC  'DNA linking' y "2'-DEOXYCYTIDINE-5'-MONOPHOSPHATE"  ? 'C9 H14 N3 O7 P'  307.197 
DG  'DNA linking' y "2'-DEOXYGUANOSINE-5'-MONOPHOSPHATE" ? 'C10 H14 N5 O7 P' 347.221 
DT  'DNA linking' y "THYMIDINE-5'-MONOPHOSPHATE"         ? 'C10 H15 N2 O8 P' 322.208 
HOH non-polymer   . WATER                                ? 'H2 O'            18.015  
# 
loop_
_pdbx_poly_seq_scheme.asym_id 
_pdbx_poly_seq_scheme.entity_id 
_pdbx_poly_seq_scheme.seq_id 
_pdbx_poly_seq_scheme.mon_id 
_pdbx_poly_seq_scheme.ndb_seq_num 
_pdbx_poly_seq_scheme.pdb_seq_num 
_pdbx_poly_seq_scheme.auth_seq_num 
_pdbx_poly_seq_scheme.pdb_mon_id 
_pdbx_poly_seq_scheme.auth_mon_id 
_pdbx_poly_seq_scheme.pdb_strand_id 
_pdbx_poly_seq_scheme.pdb_ins_code 
_pdbx_poly_seq_scheme.hetero 
A 1 1  DC 1  1  1  DC C A . n 
A 1 2  DG 2  2  2  DG G A . n 
A 1 3  DC 3  3  3  DC C A . n 
A 1 4  DG 4  4  4  DG G A . n 
A 1 5  DC 5  5  5  DC C A . n 
A 1 6  DG 6  6  6  DG G A . n 
A 1 7  DT 7  7  7  DT T A . n 
A 1 8  DT 8  8  8  DT T A . n 
A 1 9  DT 9  9  9  DT T A . n 
A 1 10 DT 10 10 10 DT T A . n 
A 1 11 DC 11 11 11 DC C A . n 
A 1 12 DG 12 12 12 DG G A . n 
A 1 13 DC 13 13 13 DC C A . n 
A 1 14 DG 14 14 14 DG G A . n 
A 1 15 DC 15 15 15 DC C A . n 
A 1 16 DG 16 16 16 DG G A . n 
# 
loop_
_pdbx_nonpoly_scheme.asym_id 
_pdbx_nonpoly_scheme.entity_id 
_pdbx_nonpoly_scheme.mon_id 
_pdbx_nonpoly_scheme.ndb_seq_num 
_pdbx_nonpoly_scheme.pdb_seq_num 
_pdbx_nonpoly_scheme.auth_seq_num 
_pdbx_nonpoly_scheme.pdb_mon_id 
_pdbx_nonpoly_scheme.auth_mon_id 
_pdbx_nonpoly_scheme.pdb_strand_id 
_pdbx_nonpoly_scheme.pdb_ins_code 
B 2 HOH 1  17 17 HOH HOH A . 
B 2 HOH 2  18 18 HOH HOH A . 
B 2 HOH 3  19 19 HOH HOH A . 
B 2 HOH 4  20 20 HOH HOH A . 
B 2 HOH 5  21 21 HOH HOH A . 
B 2 HOH 6  22 22 HOH HOH A . 
B 2 HOH 7  23 23 HOH HOH A . 
B 2 HOH 8  24 24 HOH HOH A . 
B 2 HOH 9  25 25 HOH HOH A . 
B 2 HOH 10 26 26 HOH HOH A . 
B 2 HOH 11 27 27 HOH HOH A . 
B 2 HOH 12 28 28 HOH HOH A . 
B 2 HOH 13 29 29 HOH HOH A . 
B 2 HOH 14 30 30 HOH HOH A . 
B 2 HOH 15 31 31 HOH HOH A . 
B 2 HOH 16 32 32 HOH HOH A . 
B 2 HOH 17 33 33 HOH HOH A . 
B 2 HOH 18 34 34 HOH HOH A . 
B 2 HOH 19 35 35 HOH HOH A . 
B 2 HOH 20 36 36 HOH HOH A . 
B 2 HOH 21 37 37 HOH HOH A . 
B 2 HOH 22 38 38 HOH HOH A . 
B 2 HOH 23 39 39 HOH HOH A . 
B 2 HOH 24 40 40 HOH HOH A . 
B 2 HOH 25 41 41 HOH HOH A . 
B 2 HOH 26 42 42 HOH HOH A . 
B 2 HOH 27 43 43 HOH HOH A . 
B 2 HOH 28 44 44 HOH HOH A . 
B 2 HOH 29 45 45 HOH HOH A . 
B 2 HOH 30 46 46 HOH HOH A . 
B 2 HOH 31 47 47 HOH HOH A . 
B 2 HOH 32 48 48 HOH HOH A . 
B 2 HOH 33 49 49 HOH HOH A . 
B 2 HOH 34 50 50 HOH HOH A . 
B 2 HOH 35 51 51 HOH HOH A . 
B 2 HOH 36 52 52 HOH HOH A . 
B 2 HOH 37 53 53 HOH HOH A . 
B 2 HOH 38 54 54 HOH HOH A . 
B 2 HOH 39 55 55 HOH HOH A . 
B 2 HOH 40 56 56 HOH HOH A . 
B 2 HOH 41 57 57 HOH HOH A . 
B 2 HOH 42 58 58 HOH HOH A . 
B 2 HOH 43 59 59 HOH HOH A . 
B 2 HOH 44 60 60 HOH HOH A . 
B 2 HOH 45 61 61 HOH HOH A . 
B 2 HOH 46 62 62 HOH HOH A . 
B 2 HOH 47 63 63 HOH HOH A . 
B 2 HOH 48 64 64 HOH HOH A . 
B 2 HOH 49 65 65 HOH HOH A . 
B 2 HOH 50 66 66 HOH HOH A . 
B 2 HOH 51 67 67 HOH HOH A . 
B 2 HOH 52 68 68 HOH HOH A . 
B 2 HOH 53 69 69 HOH HOH A . 
B 2 HOH 54 70 70 HOH HOH A . 
B 2 HOH 55 71 71 HOH HOH A . 
B 2 HOH 56 72 72 HOH HOH A . 
B 2 HOH 57 73 73 HOH HOH A . 
B 2 HOH 58 74 74 HOH HOH A . 
B 2 HOH 59 75 75 HOH HOH A . 
B 2 HOH 60 76 76 HOH HOH A . 
B 2 HOH 61 77 77 HOH HOH A . 
B 2 HOH 62 78 78 HOH HOH A . 
B 2 HOH 63 79 79 HOH HOH A . 
B 2 HOH 64 80 80 HOH HOH A . 
B 2 HOH 65 81 81 HOH HOH A . 
B 2 HOH 66 82 82 HOH HOH A . 
B 2 HOH 67 83 83 HOH HOH A . 
B 2 HOH 68 84 84 HOH HOH A . 
B 2 HOH 69 85 85 HOH HOH A . 
B 2 HOH 70 86 86 HOH HOH A . 
# 
_software.name             NUCLSQ 
_software.classification   refinement 
_software.version          . 
_software.citation_id      ? 
_software.pdbx_ordinal     1 
# 
_cell.entry_id           1D16 
_cell.length_a           57.180 
_cell.length_b           21.630 
_cell.length_c           36.400 
_cell.angle_alpha        90.00 
_cell.angle_beta         95.22 
_cell.angle_gamma        90.00 
_cell.Z_PDB              4 
_cell.pdbx_unique_axis   ? 
# 
_symmetry.entry_id                         1D16 
_symmetry.space_group_name_H-M             'C 1 2 1' 
_symmetry.pdbx_full_space_group_name_H-M   ? 
_symmetry.cell_setting                     ? 
_symmetry.Int_Tables_number                5 
# 
_exptl.entry_id          1D16 
_exptl.method            'X-RAY DIFFRACTION' 
_exptl.crystals_number   ? 
# 
_exptl_crystal.id                    1 
_exptl_crystal.density_meas          1.5000 
_exptl_crystal.density_Matthews      2.21 
_exptl_crystal.density_percent_sol   44.32 
_exptl_crystal.description           ? 
# 
_exptl_crystal_grow.crystal_id      1 
_exptl_crystal_grow.method          'VAPOR DIFFUSION' 
_exptl_crystal_grow.temp            280.00 
_exptl_crystal_grow.temp_details    ? 
_exptl_crystal_grow.pH              6.00 
_exptl_crystal_grow.pdbx_details    'pH 6.00, VAPOR DIFFUSION, temperature 280.00K' 
_exptl_crystal_grow.pdbx_pH_range   ? 
# 
loop_
_exptl_crystal_grow_comp.crystal_id 
_exptl_crystal_grow_comp.id 
_exptl_crystal_grow_comp.sol_id 
_exptl_crystal_grow_comp.name 
_exptl_crystal_grow_comp.volume 
_exptl_crystal_grow_comp.conc 
_exptl_crystal_grow_comp.details 
1 1 1 WATER           ? ? ? 
1 2 1 ISOPROPANOL     ? ? ? 
1 3 1 'NA CACODYLATE' ? ? ? 
1 4 1 SPERMINE_HCL    ? ? ? 
1 5 1 'SR NITRATE'    ? ? ? 
1 6 2 WATER           ? ? ? 
1 7 2 ISOPROPANOL     ? ? ? 
# 
_diffrn.id                     1 
_diffrn.ambient_temp           278.00 
_diffrn.ambient_temp_details   ? 
_diffrn.crystal_id             1 
# 
_diffrn_detector.diffrn_id              1 
_diffrn_detector.detector               DIFFRACTOMETER 
_diffrn_detector.type                   'SYNTEX P1' 
_diffrn_detector.pdbx_collection_date   ? 
_diffrn_detector.details                ? 
# 
_diffrn_radiation.diffrn_id                        1 
_diffrn_radiation.wavelength_id                    1 
_diffrn_radiation.pdbx_monochromatic_or_laue_m_l   ? 
_diffrn_radiation.monochromator                    ? 
_diffrn_radiation.pdbx_diffrn_protocol             ? 
_diffrn_radiation.pdbx_scattering_type             x-ray 
# 
_diffrn_radiation_wavelength.id           1 
_diffrn_radiation_wavelength.wavelength   . 
_diffrn_radiation_wavelength.wt           1.0 
# 
_diffrn_source.diffrn_id                   1 
_diffrn_source.source                      ? 
_diffrn_source.type                        ? 
_diffrn_source.pdbx_synchrotron_site       ? 
_diffrn_source.pdbx_synchrotron_beamline   ? 
_diffrn_source.pdbx_wavelength             ? 
_diffrn_source.pdbx_wavelength_list        ? 
# 
_reflns.entry_id                     1D16 
_reflns.observed_criterion_sigma_I   ? 
_reflns.observed_criterion_sigma_F   ? 
_reflns.d_resolution_low             ? 
_reflns.d_resolution_high            2.100 
_reflns.number_obs                   2825 
_reflns.number_all                   ? 
_reflns.percent_possible_obs         ? 
_reflns.pdbx_Rmerge_I_obs            ? 
_reflns.pdbx_Rsym_value              ? 
_reflns.pdbx_netI_over_sigmaI        ? 
_reflns.B_iso_Wilson_estimate        ? 
_reflns.pdbx_redundancy              ? 
_reflns.pdbx_diffrn_id               1 
_reflns.pdbx_ordinal                 1 
# 
_refine.entry_id                                 1D16 
_refine.ls_number_reflns_obs                     1509 
_refine.ls_number_reflns_all                     ? 
_refine.pdbx_ls_sigma_I                          ? 
_refine.pdbx_ls_sigma_F                          2.000 
_refine.pdbx_data_cutoff_high_absF               ? 
_refine.pdbx_data_cutoff_low_absF                ? 
_refine.pdbx_data_cutoff_high_rms_absF           ? 
_refine.ls_d_res_low                             ? 
_refine.ls_d_res_high                            2.100 
_refine.ls_percent_reflns_obs                    ? 
_refine.ls_R_factor_obs                          0.2000000 
_refine.ls_R_factor_all                          ? 
_refine.ls_R_factor_R_work                       ? 
_refine.ls_R_factor_R_free                       ? 
_refine.ls_R_factor_R_free_error                 ? 
_refine.ls_R_factor_R_free_error_details         ? 
_refine.ls_percent_reflns_R_free                 ? 
_refine.ls_number_reflns_R_free                  ? 
_refine.ls_number_parameters                     ? 
_refine.ls_number_restraints                     ? 
_refine.occupancy_min                            ? 
_refine.occupancy_max                            ? 
_refine.B_iso_mean                               ? 
_refine.aniso_B[1][1]                            ? 
_refine.aniso_B[2][2]                            ? 
_refine.aniso_B[3][3]                            ? 
_refine.aniso_B[1][2]                            ? 
_refine.aniso_B[1][3]                            ? 
_refine.aniso_B[2][3]                            ? 
_refine.solvent_model_details                    ? 
_refine.solvent_model_param_ksol                 ? 
_refine.solvent_model_param_bsol                 ? 
_refine.pdbx_ls_cross_valid_method               ? 
_refine.details                                  ? 
_refine.pdbx_starting_model                      ? 
_refine.pdbx_method_to_determine_struct          ? 
_refine.pdbx_isotropic_thermal_model             ? 
_refine.pdbx_stereochemistry_target_values       ? 
_refine.pdbx_stereochem_target_val_spec_case     ? 
_refine.pdbx_R_Free_selection_details            ? 
_refine.pdbx_overall_ESU_R                       ? 
_refine.pdbx_overall_ESU_R_Free                  ? 
_refine.overall_SU_ML                            ? 
_refine.overall_SU_B                             ? 
_refine.pdbx_refine_id                           'X-RAY DIFFRACTION' 
_refine.pdbx_diffrn_id                           1 
_refine.pdbx_TLS_residual_ADP_flag               ? 
_refine.correlation_coeff_Fo_to_Fc               ? 
_refine.correlation_coeff_Fo_to_Fc_free          ? 
_refine.pdbx_solvent_vdw_probe_radii             ? 
_refine.pdbx_solvent_ion_probe_radii             ? 
_refine.pdbx_solvent_shrinkage_radii             ? 
_refine.pdbx_overall_phase_error                 ? 
_refine.overall_SU_R_Cruickshank_DPI             ? 
_refine.pdbx_overall_SU_R_free_Cruickshank_DPI   ? 
_refine.pdbx_overall_SU_R_Blow_DPI               ? 
_refine.pdbx_overall_SU_R_free_Blow_DPI          ? 
# 
_refine_hist.pdbx_refine_id                   'X-RAY DIFFRACTION' 
_refine_hist.cycle_id                         LAST 
_refine_hist.pdbx_number_atoms_protein        0 
_refine_hist.pdbx_number_atoms_nucleic_acid   323 
_refine_hist.pdbx_number_atoms_ligand         0 
_refine_hist.number_atoms_solvent             70 
_refine_hist.number_atoms_total               393 
_refine_hist.d_res_high                       2.100 
_refine_hist.d_res_low                        . 
# 
loop_
_refine_ls_restr.type 
_refine_ls_restr.dev_ideal 
_refine_ls_restr.dev_ideal_target 
_refine_ls_restr.weight 
_refine_ls_restr.number 
_refine_ls_restr.pdbx_refine_id 
_refine_ls_restr.pdbx_restraint_function 
n_bond_d               0.016 ? ? ? 'X-RAY DIFFRACTION' ? 
n_angle_d              0.043 ? ? ? 'X-RAY DIFFRACTION' ? 
n_planar_d             ?     ? ? ? 'X-RAY DIFFRACTION' ? 
n_hb_or_metal_coord    ?     ? ? ? 'X-RAY DIFFRACTION' ? 
n_sugar_bond_it        ?     ? ? ? 'X-RAY DIFFRACTION' ? 
n_sugar_angle_it       ?     ? ? ? 'X-RAY DIFFRACTION' ? 
n_phos_bond_it         ?     ? ? ? 'X-RAY DIFFRACTION' ? 
n_phos_angle_it        ?     ? ? ? 'X-RAY DIFFRACTION' ? 
n_bond_angle_restr     ?     ? ? ? 'X-RAY DIFFRACTION' ? 
n_dihedral_angle_restr ?     ? ? ? 'X-RAY DIFFRACTION' ? 
n_impr_tor             ?     ? ? ? 'X-RAY DIFFRACTION' ? 
n_sugar_bond_d         ?     ? ? ? 'X-RAY DIFFRACTION' ? 
n_sugar_bond_angle_d   ?     ? ? ? 'X-RAY DIFFRACTION' ? 
n_phos_bond_d          ?     ? ? ? 'X-RAY DIFFRACTION' ? 
n_phos_bond_angle_d    ?     ? ? ? 'X-RAY DIFFRACTION' ? 
n_plane_restr          ?     ? ? ? 'X-RAY DIFFRACTION' ? 
n_chiral_restr         ?     ? ? ? 'X-RAY DIFFRACTION' ? 
n_singtor_nbd          ?     ? ? ? 'X-RAY DIFFRACTION' ? 
n_multtor_nbd          ?     ? ? ? 'X-RAY DIFFRACTION' ? 
n_xhyhbond_nbd         ?     ? ? ? 'X-RAY DIFFRACTION' ? 
# 
_struct.entry_id                  1D16 
_struct.title                     'STRUCTURE OF A T4 HAIRPIN LOOP ON A Z-DNA STEM AND COMPARISON WITH A-RNA AND B-DNA LOOPS' 
_struct.pdbx_model_details        ? 
_struct.pdbx_CASP_flag            ? 
_struct.pdbx_model_type_details   ? 
# 
_struct_keywords.entry_id        1D16 
_struct_keywords.pdbx_keywords   DNA 
_struct_keywords.text            'Z-DNA STEM, SINGLE STRAND, HAIRPIN LOOP, DNA' 
# 
loop_
_struct_asym.id 
_struct_asym.pdbx_blank_PDB_chainid_flag 
_struct_asym.pdbx_modified 
_struct_asym.entity_id 
_struct_asym.details 
A N N 1 ? 
B N N 2 ? 
# 
_struct_ref.id                         1 
_struct_ref.entity_id                  1 
_struct_ref.db_name                    PDB 
_struct_ref.db_code                    1D16 
_struct_ref.pdbx_db_accession          1D16 
_struct_ref.pdbx_db_isoform            ? 
_struct_ref.pdbx_seq_one_letter_code   ? 
_struct_ref.pdbx_align_begin           ? 
# 
_struct_ref_seq.align_id                      1 
_struct_ref_seq.ref_id                        1 
_struct_ref_seq.pdbx_PDB_id_code              1D16 
_struct_ref_seq.pdbx_strand_id                A 
_struct_ref_seq.seq_align_beg                 1 
_struct_ref_seq.pdbx_seq_align_beg_ins_code   ? 
_struct_ref_seq.seq_align_end                 16 
_struct_ref_seq.pdbx_seq_align_end_ins_code   ? 
_struct_ref_seq.pdbx_db_accession             1D16 
_struct_ref_seq.db_align_beg                  1 
_struct_ref_seq.pdbx_db_align_beg_ins_code    ? 
_struct_ref_seq.db_align_end                  16 
_struct_ref_seq.pdbx_db_align_end_ins_code    ? 
_struct_ref_seq.pdbx_auth_seq_align_beg       1 
_struct_ref_seq.pdbx_auth_seq_align_end       16 
# 
_pdbx_struct_assembly.id                   1 
_pdbx_struct_assembly.details              author_defined_assembly 
_pdbx_struct_assembly.method_details       ? 
_pdbx_struct_assembly.oligomeric_details   monomeric 
_pdbx_struct_assembly.oligomeric_count     1 
# 
_pdbx_struct_assembly_gen.assembly_id       1 
_pdbx_struct_assembly_gen.oper_expression   1 
_pdbx_struct_assembly_gen.asym_id_list      A,B 
# 
_pdbx_struct_oper_list.id                   1 
_pdbx_struct_oper_list.type                 'identity operation' 
_pdbx_struct_oper_list.name                 1_555 
_pdbx_struct_oper_list.symmetry_operation   x,y,z 
_pdbx_struct_oper_list.matrix[1][1]         1.0000000000 
_pdbx_struct_oper_list.matrix[1][2]         0.0000000000 
_pdbx_struct_oper_list.matrix[1][3]         0.0000000000 
_pdbx_struct_oper_list.vector[1]            0.0000000000 
_pdbx_struct_oper_list.matrix[2][1]         0.0000000000 
_pdbx_struct_oper_list.matrix[2][2]         1.0000000000 
_pdbx_struct_oper_list.matrix[2][3]         0.0000000000 
_pdbx_struct_oper_list.vector[2]            0.0000000000 
_pdbx_struct_oper_list.matrix[3][1]         0.0000000000 
_pdbx_struct_oper_list.matrix[3][2]         0.0000000000 
_pdbx_struct_oper_list.matrix[3][3]         1.0000000000 
_pdbx_struct_oper_list.vector[3]            0.0000000000 
# 
_struct_biol.id   1 
# 
loop_
_struct_conn.id 
_struct_conn.conn_type_id 
_struct_conn.pdbx_leaving_atom_flag 
_struct_conn.pdbx_PDB_id 
_struct_conn.ptnr1_label_asym_id 
_struct_conn.ptnr1_label_comp_id 
_struct_conn.ptnr1_label_seq_id 
_struct_conn.ptnr1_label_atom_id 
_struct_conn.pdbx_ptnr1_label_alt_id 
_struct_conn.pdbx_ptnr1_PDB_ins_code 
_struct_conn.pdbx_ptnr1_standard_comp_id 
_struct_conn.ptnr1_symmetry 
_struct_conn.ptnr2_label_asym_id 
_struct_conn.ptnr2_label_comp_id 
_struct_conn.ptnr2_label_seq_id 
_struct_conn.ptnr2_label_atom_id 
_struct_conn.pdbx_ptnr2_label_alt_id 
_struct_conn.pdbx_ptnr2_PDB_ins_code 
_struct_conn.ptnr1_auth_asym_id 
_struct_conn.ptnr1_auth_comp_id 
_struct_conn.ptnr1_auth_seq_id 
_struct_conn.ptnr2_auth_asym_id 
_struct_conn.ptnr2_auth_comp_id 
_struct_conn.ptnr2_auth_seq_id 
_struct_conn.ptnr2_symmetry 
_struct_conn.pdbx_ptnr3_label_atom_id 
_struct_conn.pdbx_ptnr3_label_seq_id 
_struct_conn.pdbx_ptnr3_label_comp_id 
_struct_conn.pdbx_ptnr3_label_asym_id 
_struct_conn.pdbx_ptnr3_label_alt_id 
_struct_conn.pdbx_ptnr3_PDB_ins_code 
_struct_conn.details 
_struct_conn.pdbx_dist_value 
_struct_conn.pdbx_value_order 
_struct_conn.pdbx_role 
hydrog1  hydrog ? ? A DC 1 N3 ? ? ? 1_555 A DG 16 N1 ? ? A DC 1 A DG 16 1_555 ? ? ? ? ? ? WATSON-CRICK ? ? ? 
hydrog2  hydrog ? ? A DC 1 N4 ? ? ? 1_555 A DG 16 O6 ? ? A DC 1 A DG 16 1_555 ? ? ? ? ? ? WATSON-CRICK ? ? ? 
hydrog3  hydrog ? ? A DC 1 O2 ? ? ? 1_555 A DG 16 N2 ? ? A DC 1 A DG 16 1_555 ? ? ? ? ? ? WATSON-CRICK ? ? ? 
hydrog4  hydrog ? ? A DG 2 N1 ? ? ? 1_555 A DC 15 N3 ? ? A DG 2 A DC 15 1_555 ? ? ? ? ? ? WATSON-CRICK ? ? ? 
hydrog5  hydrog ? ? A DG 2 N2 ? ? ? 1_555 A DC 15 O2 ? ? A DG 2 A DC 15 1_555 ? ? ? ? ? ? WATSON-CRICK ? ? ? 
hydrog6  hydrog ? ? A DG 2 O6 ? ? ? 1_555 A DC 15 N4 ? ? A DG 2 A DC 15 1_555 ? ? ? ? ? ? WATSON-CRICK ? ? ? 
hydrog7  hydrog ? ? A DC 3 N3 ? ? ? 1_555 A DG 14 N1 ? ? A DC 3 A DG 14 1_555 ? ? ? ? ? ? WATSON-CRICK ? ? ? 
hydrog8  hydrog ? ? A DC 3 N4 ? ? ? 1_555 A DG 14 O6 ? ? A DC 3 A DG 14 1_555 ? ? ? ? ? ? WATSON-CRICK ? ? ? 
hydrog9  hydrog ? ? A DC 3 O2 ? ? ? 1_555 A DG 14 N2 ? ? A DC 3 A DG 14 1_555 ? ? ? ? ? ? WATSON-CRICK ? ? ? 
hydrog10 hydrog ? ? A DG 4 N1 ? ? ? 1_555 A DC 13 N3 ? ? A DG 4 A DC 13 1_555 ? ? ? ? ? ? WATSON-CRICK ? ? ? 
hydrog11 hydrog ? ? A DG 4 N2 ? ? ? 1_555 A DC 13 O2 ? ? A DG 4 A DC 13 1_555 ? ? ? ? ? ? WATSON-CRICK ? ? ? 
hydrog12 hydrog ? ? A DG 4 O6 ? ? ? 1_555 A DC 13 N4 ? ? A DG 4 A DC 13 1_555 ? ? ? ? ? ? WATSON-CRICK ? ? ? 
hydrog13 hydrog ? ? A DC 5 N3 ? ? ? 1_555 A DG 12 N1 ? ? A DC 5 A DG 12 1_555 ? ? ? ? ? ? WATSON-CRICK ? ? ? 
hydrog14 hydrog ? ? A DC 5 N4 ? ? ? 1_555 A DG 12 O6 ? ? A DC 5 A DG 12 1_555 ? ? ? ? ? ? WATSON-CRICK ? ? ? 
hydrog15 hydrog ? ? A DC 5 O2 ? ? ? 1_555 A DG 12 N2 ? ? A DC 5 A DG 12 1_555 ? ? ? ? ? ? WATSON-CRICK ? ? ? 
hydrog16 hydrog ? ? A DG 6 N1 ? ? ? 1_555 A DC 11 N3 ? ? A DG 6 A DC 11 1_555 ? ? ? ? ? ? WATSON-CRICK ? ? ? 
hydrog17 hydrog ? ? A DG 6 N2 ? ? ? 1_555 A DC 11 O2 ? ? A DG 6 A DC 11 1_555 ? ? ? ? ? ? WATSON-CRICK ? ? ? 
hydrog18 hydrog ? ? A DG 6 O6 ? ? ? 1_555 A DC 11 N4 ? ? A DG 6 A DC 11 1_555 ? ? ? ? ? ? WATSON-CRICK ? ? ? 
# 
_struct_conn_type.id          hydrog 
_struct_conn_type.criteria    ? 
_struct_conn_type.reference   ? 
# 
loop_
_pdbx_validate_close_contact.id 
_pdbx_validate_close_contact.PDB_model_num 
_pdbx_validate_close_contact.auth_atom_id_1 
_pdbx_validate_close_contact.auth_asym_id_1 
_pdbx_validate_close_contact.auth_comp_id_1 
_pdbx_validate_close_contact.auth_seq_id_1 
_pdbx_validate_close_contact.PDB_ins_code_1 
_pdbx_validate_close_contact.label_alt_id_1 
_pdbx_validate_close_contact.auth_atom_id_2 
_pdbx_validate_close_contact.auth_asym_id_2 
_pdbx_validate_close_contact.auth_comp_id_2 
_pdbx_validate_close_contact.auth_seq_id_2 
_pdbx_validate_close_contact.PDB_ins_code_2 
_pdbx_validate_close_contact.label_alt_id_2 
_pdbx_validate_close_contact.dist 
1 1 O     A HOH 23 ? ? O A HOH 57 ? ? 1.60 
2 1 "O5'" A DG  2  ? ? O A HOH 79 ? ? 1.72 
3 1 O     A HOH 57 ? ? O A HOH 83 ? ? 1.90 
4 1 "O4'" A DG  2  ? ? O A HOH 79 ? ? 2.09 
# 
loop_
_pdbx_validate_rmsd_bond.id 
_pdbx_validate_rmsd_bond.PDB_model_num 
_pdbx_validate_rmsd_bond.auth_atom_id_1 
_pdbx_validate_rmsd_bond.auth_asym_id_1 
_pdbx_validate_rmsd_bond.auth_comp_id_1 
_pdbx_validate_rmsd_bond.auth_seq_id_1 
_pdbx_validate_rmsd_bond.PDB_ins_code_1 
_pdbx_validate_rmsd_bond.label_alt_id_1 
_pdbx_validate_rmsd_bond.auth_atom_id_2 
_pdbx_validate_rmsd_bond.auth_asym_id_2 
_pdbx_validate_rmsd_bond.auth_comp_id_2 
_pdbx_validate_rmsd_bond.auth_seq_id_2 
_pdbx_validate_rmsd_bond.PDB_ins_code_2 
_pdbx_validate_rmsd_bond.label_alt_id_2 
_pdbx_validate_rmsd_bond.bond_value 
_pdbx_validate_rmsd_bond.bond_target_value 
_pdbx_validate_rmsd_bond.bond_deviation 
_pdbx_validate_rmsd_bond.bond_standard_deviation 
_pdbx_validate_rmsd_bond.linker_flag 
1 1 N1 A DC 3  ? ? C6 A DC 3  ? ? 1.326 1.367 -0.041 0.006 N 
2 1 N3 A DC 3  ? ? C4 A DC 3  ? ? 1.401 1.335 0.066  0.007 N 
3 1 N3 A DC 5  ? ? C4 A DC 5  ? ? 1.382 1.335 0.047  0.007 N 
4 1 N3 A DC 15 ? ? C4 A DC 15 ? ? 1.379 1.335 0.044  0.007 N 
# 
loop_
_pdbx_validate_rmsd_angle.id 
_pdbx_validate_rmsd_angle.PDB_model_num 
_pdbx_validate_rmsd_angle.auth_atom_id_1 
_pdbx_validate_rmsd_angle.auth_asym_id_1 
_pdbx_validate_rmsd_angle.auth_comp_id_1 
_pdbx_validate_rmsd_angle.auth_seq_id_1 
_pdbx_validate_rmsd_angle.PDB_ins_code_1 
_pdbx_validate_rmsd_angle.label_alt_id_1 
_pdbx_validate_rmsd_angle.auth_atom_id_2 
_pdbx_validate_rmsd_angle.auth_asym_id_2 
_pdbx_validate_rmsd_angle.auth_comp_id_2 
_pdbx_validate_rmsd_angle.auth_seq_id_2 
_pdbx_validate_rmsd_angle.PDB_ins_code_2 
_pdbx_validate_rmsd_angle.label_alt_id_2 
_pdbx_validate_rmsd_angle.auth_atom_id_3 
_pdbx_validate_rmsd_angle.auth_asym_id_3 
_pdbx_validate_rmsd_angle.auth_comp_id_3 
_pdbx_validate_rmsd_angle.auth_seq_id_3 
_pdbx_validate_rmsd_angle.PDB_ins_code_3 
_pdbx_validate_rmsd_angle.label_alt_id_3 
_pdbx_validate_rmsd_angle.angle_value 
_pdbx_validate_rmsd_angle.angle_target_value 
_pdbx_validate_rmsd_angle.angle_deviation 
_pdbx_validate_rmsd_angle.angle_standard_deviation 
_pdbx_validate_rmsd_angle.linker_flag 
1  1 "O4'" A DC 1  ? ? "C4'" A DC 1  ? ? "C3'" A DC 1  ? ? 98.62  104.50 -5.88  0.40 N 
2  1 "C5'" A DC 1  ? ? "C4'" A DC 1  ? ? "C3'" A DC 1  ? ? 123.50 115.70 7.80   1.20 N 
3  1 "C3'" A DC 1  ? ? "C2'" A DC 1  ? ? "C1'" A DC 1  ? ? 96.07  102.40 -6.33  0.80 N 
4  1 "O4'" A DC 1  ? ? "C1'" A DC 1  ? ? N1    A DC 1  ? ? 110.52 108.30 2.22   0.30 N 
5  1 "O4'" A DG 2  ? ? "C1'" A DG 2  ? ? N9    A DG 2  ? ? 112.64 108.30 4.34   0.30 N 
6  1 C6    A DG 2  ? ? N1    A DG 2  ? ? C2    A DG 2  ? ? 118.75 125.10 -6.35  0.60 N 
7  1 C5    A DG 2  ? ? C6    A DG 2  ? ? N1    A DG 2  ? ? 116.61 111.50 5.11   0.50 N 
8  1 N1    A DG 2  ? ? C6    A DG 2  ? ? O6    A DG 2  ? ? 112.58 119.90 -7.32  0.60 N 
9  1 "C3'" A DG 2  ? ? "O3'" A DG 2  ? ? P     A DC 3  ? ? 139.42 119.70 19.72  1.20 Y 
10 1 "O3'" A DG 2  ? ? P     A DC 3  ? ? "O5'" A DC 3  ? ? 117.03 104.00 13.03  1.90 Y 
11 1 OP1   A DC 3  ? ? P     A DC 3  ? ? OP2   A DC 3  ? ? 110.08 119.60 -9.52  1.50 N 
12 1 "C4'" A DC 3  ? ? "C3'" A DC 3  ? ? "C2'" A DC 3  ? ? 96.89  102.20 -5.31  0.70 N 
13 1 "O4'" A DC 3  ? ? "C1'" A DC 3  ? ? N1    A DC 3  ? ? 114.97 108.30 6.67   0.30 N 
14 1 C5    A DC 3  ? ? C6    A DC 3  ? ? N1    A DC 3  ? ? 125.62 121.00 4.62   0.50 N 
15 1 N1    A DC 3  ? ? C2    A DC 3  ? ? O2    A DC 3  ? ? 123.41 118.90 4.51   0.60 N 
16 1 N3    A DC 3  ? ? C2    A DC 3  ? ? O2    A DC 3  ? ? 115.15 121.90 -6.75  0.70 N 
17 1 C6    A DC 3  ? ? N1    A DC 3  ? ? "C1'" A DC 3  ? ? 129.65 120.80 8.85   1.20 N 
18 1 C2    A DC 3  ? ? N1    A DC 3  ? ? "C1'" A DC 3  ? ? 112.13 118.80 -6.67  1.10 N 
19 1 "O5'" A DG 4  ? ? P     A DG 4  ? ? OP1   A DG 4  ? ? 121.38 110.70 10.68  1.20 N 
20 1 "O5'" A DG 4  ? ? "C5'" A DG 4  ? ? "C4'" A DG 4  ? ? 102.02 109.40 -7.38  0.80 N 
21 1 "O4'" A DG 4  ? ? "C1'" A DG 4  ? ? "C2'" A DG 4  ? ? 110.70 106.80 3.90   0.50 N 
22 1 "O4'" A DG 4  ? ? "C1'" A DG 4  ? ? N9    A DG 4  ? ? 99.60  108.00 -8.40  0.70 N 
23 1 C5    A DG 4  ? ? N7    A DG 4  ? ? C8    A DG 4  ? ? 101.23 104.30 -3.07  0.50 N 
24 1 C5    A DG 4  ? ? C6    A DG 4  ? ? O6    A DG 4  ? ? 123.90 128.60 -4.70  0.60 N 
25 1 "O5'" A DC 5  ? ? "C5'" A DC 5  ? ? "C4'" A DC 5  ? ? 103.71 109.40 -5.69  0.80 N 
26 1 "O4'" A DC 5  ? ? "C4'" A DC 5  ? ? "C3'" A DC 5  ? ? 110.68 106.00 4.68   0.60 N 
27 1 "O4'" A DC 5  ? ? "C1'" A DC 5  ? ? "C2'" A DC 5  ? ? 109.97 106.80 3.17   0.50 N 
28 1 "C3'" A DC 5  ? ? "O3'" A DC 5  ? ? P     A DG 6  ? ? 134.70 119.70 15.00  1.20 Y 
29 1 "O4'" A DG 6  ? ? "C1'" A DG 6  ? ? N9    A DG 6  ? ? 116.43 108.30 8.13   0.30 N 
30 1 C6    A DG 6  ? ? N1    A DG 6  ? ? C2    A DG 6  ? ? 119.47 125.10 -5.63  0.60 N 
31 1 C5    A DG 6  ? ? C6    A DG 6  ? ? N1    A DG 6  ? ? 115.91 111.50 4.41   0.50 N 
32 1 N3    A DG 6  ? ? C2    A DG 6  ? ? N2    A DG 6  ? ? 112.40 119.90 -7.50  0.70 N 
33 1 C5    A DG 6  ? ? C6    A DG 6  ? ? O6    A DG 6  ? ? 121.59 128.60 -7.01  0.60 N 
34 1 OP1   A DT 7  ? ? P     A DT 7  ? ? OP2   A DT 7  ? ? 104.03 119.60 -15.57 1.50 N 
35 1 "O5'" A DT 7  ? ? "C5'" A DT 7  ? ? "C4'" A DT 7  ? ? 101.62 109.40 -7.78  0.80 N 
36 1 P     A DT 7  ? ? "O5'" A DT 7  ? ? "C5'" A DT 7  ? ? 133.19 120.90 12.29  1.60 N 
37 1 "O4'" A DT 7  ? ? "C1'" A DT 7  ? ? N1    A DT 7  ? ? 110.43 108.30 2.13   0.30 N 
38 1 N1    A DT 7  ? ? C2    A DT 7  ? ? N3    A DT 7  ? ? 118.61 114.60 4.01   0.60 N 
39 1 C2    A DT 7  ? ? N3    A DT 7  ? ? C4    A DT 7  ? ? 120.49 127.20 -6.71  0.60 N 
40 1 N3    A DT 7  ? ? C4    A DT 7  ? ? C5    A DT 7  ? ? 119.82 115.20 4.62   0.60 N 
41 1 N3    A DT 7  ? ? C4    A DT 7  ? ? O4    A DT 7  ? ? 116.13 119.90 -3.77  0.60 N 
42 1 "C3'" A DT 7  ? ? "O3'" A DT 7  ? ? P     A DT 8  ? ? 132.85 119.70 13.15  1.20 Y 
43 1 "O4'" A DT 8  ? ? "C1'" A DT 8  ? ? N1    A DT 8  ? ? 112.95 108.30 4.65   0.30 N 
44 1 N1    A DT 8  ? ? C2    A DT 8  ? ? N3    A DT 8  ? ? 118.83 114.60 4.23   0.60 N 
45 1 C2    A DT 8  ? ? N3    A DT 8  ? ? C4    A DT 8  ? ? 121.32 127.20 -5.88  0.60 N 
46 1 N3    A DT 8  ? ? C4    A DT 8  ? ? C5    A DT 8  ? ? 119.70 115.20 4.50   0.60 N 
47 1 C4    A DT 8  ? ? C5    A DT 8  ? ? C7    A DT 8  ? ? 123.23 119.00 4.23   0.60 N 
48 1 "C3'" A DT 8  ? ? "O3'" A DT 8  ? ? P     A DT 9  ? ? 129.53 119.70 9.83   1.20 Y 
49 1 "O4'" A DT 9  ? ? "C4'" A DT 9  ? ? "C3'" A DT 9  ? ? 99.89  104.50 -4.61  0.40 N 
50 1 "C5'" A DT 9  ? ? "C4'" A DT 9  ? ? "C3'" A DT 9  ? ? 123.67 115.70 7.97   1.20 N 
51 1 "C1'" A DT 9  ? ? "O4'" A DT 9  ? ? "C4'" A DT 9  ? ? 95.77  110.10 -14.33 1.00 N 
52 1 "O4'" A DT 9  ? ? "C1'" A DT 9  ? ? N1    A DT 9  ? ? 112.11 108.30 3.81   0.30 N 
53 1 N1    A DT 9  ? ? C2    A DT 9  ? ? N3    A DT 9  ? ? 118.72 114.60 4.12   0.60 N 
54 1 C2    A DT 9  ? ? N3    A DT 9  ? ? C4    A DT 9  ? ? 120.35 127.20 -6.85  0.60 N 
55 1 N3    A DT 9  ? ? C4    A DT 9  ? ? C5    A DT 9  ? ? 119.89 115.20 4.69   0.60 N 
56 1 N3    A DT 9  ? ? C4    A DT 9  ? ? O4    A DT 9  ? ? 116.15 119.90 -3.75  0.60 N 
57 1 "C1'" A DT 10 ? ? "O4'" A DT 10 ? ? "C4'" A DT 10 ? ? 116.94 110.30 6.64   0.70 N 
58 1 N1    A DT 10 ? ? C2    A DT 10 ? ? N3    A DT 10 ? ? 118.23 114.60 3.63   0.60 N 
59 1 C2    A DT 10 ? ? N3    A DT 10 ? ? C4    A DT 10 ? ? 122.21 127.20 -4.99  0.60 N 
60 1 N3    A DT 10 ? ? C4    A DT 10 ? ? C5    A DT 10 ? ? 119.19 115.20 3.99   0.60 N 
61 1 OP1   A DC 11 ? ? P     A DC 11 ? ? OP2   A DC 11 ? ? 108.11 119.60 -11.49 1.50 N 
62 1 "O5'" A DC 11 ? ? P     A DC 11 ? ? OP2   A DC 11 ? ? 128.09 110.70 17.39  1.20 N 
63 1 "O4'" A DC 11 ? ? "C1'" A DC 11 ? ? N1    A DC 11 ? ? 110.42 108.30 2.12   0.30 N 
64 1 C6    A DC 11 ? ? N1    A DC 11 ? ? C2    A DC 11 ? ? 117.72 120.30 -2.58  0.40 N 
65 1 C2    A DC 11 ? ? N3    A DC 11 ? ? C4    A DC 11 ? ? 124.08 119.90 4.18   0.50 N 
66 1 N3    A DC 11 ? ? C4    A DC 11 ? ? C5    A DC 11 ? ? 118.75 121.90 -3.15  0.40 N 
67 1 C5    A DC 11 ? ? C6    A DC 11 ? ? N1    A DC 11 ? ? 124.57 121.00 3.57   0.50 N 
68 1 C5    A DC 11 ? ? C4    A DC 11 ? ? N4    A DC 11 ? ? 126.71 120.20 6.51   0.70 N 
69 1 "C3'" A DC 11 ? ? "O3'" A DC 11 ? ? P     A DG 12 ? ? 130.92 119.70 11.22  1.20 Y 
70 1 "O5'" A DG 12 ? ? "C5'" A DG 12 ? ? "C4'" A DG 12 ? ? 102.91 109.40 -6.49  0.80 N 
71 1 "O4'" A DG 12 ? ? "C4'" A DG 12 ? ? "C3'" A DG 12 ? ? 111.70 106.00 5.70   0.60 N 
72 1 "O4'" A DG 12 ? ? "C1'" A DG 12 ? ? N9    A DG 12 ? ? 117.42 108.30 9.12   0.30 N 
73 1 N1    A DG 12 ? ? C2    A DG 12 ? ? N2    A DG 12 ? ? 108.85 116.20 -7.35  0.90 N 
74 1 N3    A DG 12 ? ? C2    A DG 12 ? ? N2    A DG 12 ? ? 124.31 119.90 4.41   0.70 N 
75 1 "O5'" A DC 13 ? ? "C5'" A DC 13 ? ? "C4'" A DC 13 ? ? 100.21 109.40 -9.19  0.80 N 
76 1 "O4'" A DC 13 ? ? "C1'" A DC 13 ? ? "C2'" A DC 13 ? ? 100.45 105.90 -5.45  0.80 N 
77 1 "O4'" A DC 13 ? ? "C1'" A DC 13 ? ? N1    A DC 13 ? ? 113.59 108.30 5.29   0.30 N 
78 1 C5    A DC 13 ? ? C6    A DC 13 ? ? N1    A DC 13 ? ? 124.63 121.00 3.63   0.50 N 
79 1 N1    A DC 13 ? ? C2    A DC 13 ? ? O2    A DC 13 ? ? 122.84 118.90 3.94   0.60 N 
80 1 OP1   A DG 14 ? ? P     A DG 14 ? ? OP2   A DG 14 ? ? 108.64 119.60 -10.96 1.50 N 
81 1 "O4'" A DG 14 ? ? "C1'" A DG 14 ? ? "C2'" A DG 14 ? ? 109.90 106.80 3.10   0.50 N 
82 1 "C3'" A DG 14 ? ? "O3'" A DG 14 ? ? P     A DC 15 ? ? 111.96 119.70 -7.74  1.20 Y 
83 1 "O5'" A DC 15 ? ? "C5'" A DC 15 ? ? "C4'" A DC 15 ? ? 103.06 109.40 -6.34  0.80 N 
84 1 "O4'" A DC 15 ? ? "C1'" A DC 15 ? ? N1    A DC 15 ? ? 110.75 108.30 2.45   0.30 N 
85 1 N1    A DC 15 ? ? C2    A DC 15 ? ? O2    A DC 15 ? ? 127.25 118.90 8.35   0.60 N 
86 1 N3    A DC 15 ? ? C2    A DC 15 ? ? O2    A DC 15 ? ? 115.31 121.90 -6.59  0.70 N 
87 1 N3    A DC 15 ? ? C4    A DC 15 ? ? N4    A DC 15 ? ? 113.26 118.00 -4.74  0.70 N 
88 1 C5    A DC 15 ? ? C4    A DC 15 ? ? N4    A DC 15 ? ? 126.03 120.20 5.83   0.70 N 
89 1 "C3'" A DC 15 ? ? "O3'" A DC 15 ? ? P     A DG 16 ? ? 134.28 119.70 14.58  1.20 Y 
90 1 P     A DG 16 ? ? "O5'" A DG 16 ? ? "C5'" A DG 16 ? ? 109.80 120.90 -11.10 1.60 N 
91 1 "C4'" A DG 16 ? ? "C3'" A DG 16 ? ? "C2'" A DG 16 ? ? 96.28  102.20 -5.92  0.70 N 
92 1 "C3'" A DG 16 ? ? "C2'" A DG 16 ? ? "C1'" A DG 16 ? ? 92.59  102.40 -9.81  0.80 N 
93 1 "O4'" A DG 16 ? ? "C1'" A DG 16 ? ? N9    A DG 16 ? ? 114.85 108.30 6.55   0.30 N 
94 1 C5    A DG 16 ? ? C6    A DG 16 ? ? N1    A DG 16 ? ? 115.21 111.50 3.71   0.50 N 
95 1 N1    A DG 16 ? ? C6    A DG 16 ? ? O6    A DG 16 ? ? 113.71 119.90 -6.19  0.60 N 
# 
loop_
_refine_B_iso.class 
_refine_B_iso.details 
_refine_B_iso.treatment 
_refine_B_iso.pdbx_refine_id 
'ALL ATOMS'  TR isotropic 'X-RAY DIFFRACTION' 
'ALL WATERS' TR isotropic 'X-RAY DIFFRACTION' 
# 
loop_
_refine_occupancy.class 
_refine_occupancy.treatment 
_refine_occupancy.pdbx_refine_id 
'ALL ATOMS'  fix 'X-RAY DIFFRACTION' 
'ALL WATERS' fix 'X-RAY DIFFRACTION' 
# 
loop_
_chem_comp_atom.comp_id 
_chem_comp_atom.atom_id 
_chem_comp_atom.type_symbol 
_chem_comp_atom.pdbx_aromatic_flag 
_chem_comp_atom.pdbx_stereo_config 
_chem_comp_atom.pdbx_ordinal 
DC  OP3    O N N 1   
DC  P      P N N 2   
DC  OP1    O N N 3   
DC  OP2    O N N 4   
DC  "O5'"  O N N 5   
DC  "C5'"  C N N 6   
DC  "C4'"  C N R 7   
DC  "O4'"  O N N 8   
DC  "C3'"  C N S 9   
DC  "O3'"  O N N 10  
DC  "C2'"  C N N 11  
DC  "C1'"  C N R 12  
DC  N1     N N N 13  
DC  C2     C N N 14  
DC  O2     O N N 15  
DC  N3     N N N 16  
DC  C4     C N N 17  
DC  N4     N N N 18  
DC  C5     C N N 19  
DC  C6     C N N 20  
DC  HOP3   H N N 21  
DC  HOP2   H N N 22  
DC  "H5'"  H N N 23  
DC  "H5''" H N N 24  
DC  "H4'"  H N N 25  
DC  "H3'"  H N N 26  
DC  "HO3'" H N N 27  
DC  "H2'"  H N N 28  
DC  "H2''" H N N 29  
DC  "H1'"  H N N 30  
DC  H41    H N N 31  
DC  H42    H N N 32  
DC  H5     H N N 33  
DC  H6     H N N 34  
DG  OP3    O N N 35  
DG  P      P N N 36  
DG  OP1    O N N 37  
DG  OP2    O N N 38  
DG  "O5'"  O N N 39  
DG  "C5'"  C N N 40  
DG  "C4'"  C N R 41  
DG  "O4'"  O N N 42  
DG  "C3'"  C N S 43  
DG  "O3'"  O N N 44  
DG  "C2'"  C N N 45  
DG  "C1'"  C N R 46  
DG  N9     N Y N 47  
DG  C8     C Y N 48  
DG  N7     N Y N 49  
DG  C5     C Y N 50  
DG  C6     C N N 51  
DG  O6     O N N 52  
DG  N1     N N N 53  
DG  C2     C N N 54  
DG  N2     N N N 55  
DG  N3     N N N 56  
DG  C4     C Y N 57  
DG  HOP3   H N N 58  
DG  HOP2   H N N 59  
DG  "H5'"  H N N 60  
DG  "H5''" H N N 61  
DG  "H4'"  H N N 62  
DG  "H3'"  H N N 63  
DG  "HO3'" H N N 64  
DG  "H2'"  H N N 65  
DG  "H2''" H N N 66  
DG  "H1'"  H N N 67  
DG  H8     H N N 68  
DG  H1     H N N 69  
DG  H21    H N N 70  
DG  H22    H N N 71  
DT  OP3    O N N 72  
DT  P      P N N 73  
DT  OP1    O N N 74  
DT  OP2    O N N 75  
DT  "O5'"  O N N 76  
DT  "C5'"  C N N 77  
DT  "C4'"  C N R 78  
DT  "O4'"  O N N 79  
DT  "C3'"  C N S 80  
DT  "O3'"  O N N 81  
DT  "C2'"  C N N 82  
DT  "C1'"  C N R 83  
DT  N1     N N N 84  
DT  C2     C N N 85  
DT  O2     O N N 86  
DT  N3     N N N 87  
DT  C4     C N N 88  
DT  O4     O N N 89  
DT  C5     C N N 90  
DT  C7     C N N 91  
DT  C6     C N N 92  
DT  HOP3   H N N 93  
DT  HOP2   H N N 94  
DT  "H5'"  H N N 95  
DT  "H5''" H N N 96  
DT  "H4'"  H N N 97  
DT  "H3'"  H N N 98  
DT  "HO3'" H N N 99  
DT  "H2'"  H N N 100 
DT  "H2''" H N N 101 
DT  "H1'"  H N N 102 
DT  H3     H N N 103 
DT  H71    H N N 104 
DT  H72    H N N 105 
DT  H73    H N N 106 
DT  H6     H N N 107 
HOH O      O N N 108 
HOH H1     H N N 109 
HOH H2     H N N 110 
# 
loop_
_chem_comp_bond.comp_id 
_chem_comp_bond.atom_id_1 
_chem_comp_bond.atom_id_2 
_chem_comp_bond.value_order 
_chem_comp_bond.pdbx_aromatic_flag 
_chem_comp_bond.pdbx_stereo_config 
_chem_comp_bond.pdbx_ordinal 
DC  OP3   P      sing N N 1   
DC  OP3   HOP3   sing N N 2   
DC  P     OP1    doub N N 3   
DC  P     OP2    sing N N 4   
DC  P     "O5'"  sing N N 5   
DC  OP2   HOP2   sing N N 6   
DC  "O5'" "C5'"  sing N N 7   
DC  "C5'" "C4'"  sing N N 8   
DC  "C5'" "H5'"  sing N N 9   
DC  "C5'" "H5''" sing N N 10  
DC  "C4'" "O4'"  sing N N 11  
DC  "C4'" "C3'"  sing N N 12  
DC  "C4'" "H4'"  sing N N 13  
DC  "O4'" "C1'"  sing N N 14  
DC  "C3'" "O3'"  sing N N 15  
DC  "C3'" "C2'"  sing N N 16  
DC  "C3'" "H3'"  sing N N 17  
DC  "O3'" "HO3'" sing N N 18  
DC  "C2'" "C1'"  sing N N 19  
DC  "C2'" "H2'"  sing N N 20  
DC  "C2'" "H2''" sing N N 21  
DC  "C1'" N1     sing N N 22  
DC  "C1'" "H1'"  sing N N 23  
DC  N1    C2     sing N N 24  
DC  N1    C6     sing N N 25  
DC  C2    O2     doub N N 26  
DC  C2    N3     sing N N 27  
DC  N3    C4     doub N N 28  
DC  C4    N4     sing N N 29  
DC  C4    C5     sing N N 30  
DC  N4    H41    sing N N 31  
DC  N4    H42    sing N N 32  
DC  C5    C6     doub N N 33  
DC  C5    H5     sing N N 34  
DC  C6    H6     sing N N 35  
DG  OP3   P      sing N N 36  
DG  OP3   HOP3   sing N N 37  
DG  P     OP1    doub N N 38  
DG  P     OP2    sing N N 39  
DG  P     "O5'"  sing N N 40  
DG  OP2   HOP2   sing N N 41  
DG  "O5'" "C5'"  sing N N 42  
DG  "C5'" "C4'"  sing N N 43  
DG  "C5'" "H5'"  sing N N 44  
DG  "C5'" "H5''" sing N N 45  
DG  "C4'" "O4'"  sing N N 46  
DG  "C4'" "C3'"  sing N N 47  
DG  "C4'" "H4'"  sing N N 48  
DG  "O4'" "C1'"  sing N N 49  
DG  "C3'" "O3'"  sing N N 50  
DG  "C3'" "C2'"  sing N N 51  
DG  "C3'" "H3'"  sing N N 52  
DG  "O3'" "HO3'" sing N N 53  
DG  "C2'" "C1'"  sing N N 54  
DG  "C2'" "H2'"  sing N N 55  
DG  "C2'" "H2''" sing N N 56  
DG  "C1'" N9     sing N N 57  
DG  "C1'" "H1'"  sing N N 58  
DG  N9    C8     sing Y N 59  
DG  N9    C4     sing Y N 60  
DG  C8    N7     doub Y N 61  
DG  C8    H8     sing N N 62  
DG  N7    C5     sing Y N 63  
DG  C5    C6     sing N N 64  
DG  C5    C4     doub Y N 65  
DG  C6    O6     doub N N 66  
DG  C6    N1     sing N N 67  
DG  N1    C2     sing N N 68  
DG  N1    H1     sing N N 69  
DG  C2    N2     sing N N 70  
DG  C2    N3     doub N N 71  
DG  N2    H21    sing N N 72  
DG  N2    H22    sing N N 73  
DG  N3    C4     sing N N 74  
DT  OP3   P      sing N N 75  
DT  OP3   HOP3   sing N N 76  
DT  P     OP1    doub N N 77  
DT  P     OP2    sing N N 78  
DT  P     "O5'"  sing N N 79  
DT  OP2   HOP2   sing N N 80  
DT  "O5'" "C5'"  sing N N 81  
DT  "C5'" "C4'"  sing N N 82  
DT  "C5'" "H5'"  sing N N 83  
DT  "C5'" "H5''" sing N N 84  
DT  "C4'" "O4'"  sing N N 85  
DT  "C4'" "C3'"  sing N N 86  
DT  "C4'" "H4'"  sing N N 87  
DT  "O4'" "C1'"  sing N N 88  
DT  "C3'" "O3'"  sing N N 89  
DT  "C3'" "C2'"  sing N N 90  
DT  "C3'" "H3'"  sing N N 91  
DT  "O3'" "HO3'" sing N N 92  
DT  "C2'" "C1'"  sing N N 93  
DT  "C2'" "H2'"  sing N N 94  
DT  "C2'" "H2''" sing N N 95  
DT  "C1'" N1     sing N N 96  
DT  "C1'" "H1'"  sing N N 97  
DT  N1    C2     sing N N 98  
DT  N1    C6     sing N N 99  
DT  C2    O2     doub N N 100 
DT  C2    N3     sing N N 101 
DT  N3    C4     sing N N 102 
DT  N3    H3     sing N N 103 
DT  C4    O4     doub N N 104 
DT  C4    C5     sing N N 105 
DT  C5    C7     sing N N 106 
DT  C5    C6     doub N N 107 
DT  C7    H71    sing N N 108 
DT  C7    H72    sing N N 109 
DT  C7    H73    sing N N 110 
DT  C6    H6     sing N N 111 
HOH O     H1     sing N N 112 
HOH O     H2     sing N N 113 
# 
loop_
_ndb_struct_conf_na.entry_id 
_ndb_struct_conf_na.feature 
1D16 'z-form double helix' 
1D16 'hairpin loop'        
# 
loop_
_ndb_struct_na_base_pair.model_number 
_ndb_struct_na_base_pair.i_label_asym_id 
_ndb_struct_na_base_pair.i_label_comp_id 
_ndb_struct_na_base_pair.i_label_seq_id 
_ndb_struct_na_base_pair.i_symmetry 
_ndb_struct_na_base_pair.j_label_asym_id 
_ndb_struct_na_base_pair.j_label_comp_id 
_ndb_struct_na_base_pair.j_label_seq_id 
_ndb_struct_na_base_pair.j_symmetry 
_ndb_struct_na_base_pair.shear 
_ndb_struct_na_base_pair.stretch 
_ndb_struct_na_base_pair.stagger 
_ndb_struct_na_base_pair.buckle 
_ndb_struct_na_base_pair.propeller 
_ndb_struct_na_base_pair.opening 
_ndb_struct_na_base_pair.pair_number 
_ndb_struct_na_base_pair.pair_name 
_ndb_struct_na_base_pair.i_auth_asym_id 
_ndb_struct_na_base_pair.i_auth_seq_id 
_ndb_struct_na_base_pair.i_PDB_ins_code 
_ndb_struct_na_base_pair.j_auth_asym_id 
_ndb_struct_na_base_pair.j_auth_seq_id 
_ndb_struct_na_base_pair.j_PDB_ins_code 
_ndb_struct_na_base_pair.hbond_type_28 
_ndb_struct_na_base_pair.hbond_type_12 
1 A DC 1 1_555 A DG 16 1_555 -0.759 -0.244 0.365  5.093   -5.520 -2.729 1 A_DC1:DG16_A A 1 ? A 16 ? 19 1 
1 A DG 2 1_555 A DC 15 1_555 1.114  -0.175 -0.033 -9.192  -4.226 1.448  2 A_DG2:DC15_A A 2 ? A 15 ? 19 1 
1 A DC 3 1_555 A DG 14 1_555 -0.988 -0.287 0.202  -0.596  -6.576 -0.920 3 A_DC3:DG14_A A 3 ? A 14 ? 19 1 
1 A DG 4 1_555 A DC 13 1_555 0.255  -0.154 0.135  -11.397 2.311  3.119  4 A_DG4:DC13_A A 4 ? A 13 ? 19 1 
1 A DC 5 1_555 A DG 12 1_555 -0.337 0.012  -0.281 14.972  -2.361 2.518  5 A_DC5:DG12_A A 5 ? A 12 ? 19 1 
1 A DG 6 1_555 A DC 11 1_555 0.000  -0.096 -0.376 -0.926  -3.843 0.375  6 A_DG6:DC11_A A 6 ? A 11 ? 19 1 
# 
loop_
_ndb_struct_na_base_pair_step.model_number 
_ndb_struct_na_base_pair_step.i_label_asym_id_1 
_ndb_struct_na_base_pair_step.i_label_comp_id_1 
_ndb_struct_na_base_pair_step.i_label_seq_id_1 
_ndb_struct_na_base_pair_step.i_symmetry_1 
_ndb_struct_na_base_pair_step.j_label_asym_id_1 
_ndb_struct_na_base_pair_step.j_label_comp_id_1 
_ndb_struct_na_base_pair_step.j_label_seq_id_1 
_ndb_struct_na_base_pair_step.j_symmetry_1 
_ndb_struct_na_base_pair_step.i_label_asym_id_2 
_ndb_struct_na_base_pair_step.i_label_comp_id_2 
_ndb_struct_na_base_pair_step.i_label_seq_id_2 
_ndb_struct_na_base_pair_step.i_symmetry_2 
_ndb_struct_na_base_pair_step.j_label_asym_id_2 
_ndb_struct_na_base_pair_step.j_label_comp_id_2 
_ndb_struct_na_base_pair_step.j_label_seq_id_2 
_ndb_struct_na_base_pair_step.j_symmetry_2 
_ndb_struct_na_base_pair_step.shift 
_ndb_struct_na_base_pair_step.slide 
_ndb_struct_na_base_pair_step.rise 
_ndb_struct_na_base_pair_step.tilt 
_ndb_struct_na_base_pair_step.roll 
_ndb_struct_na_base_pair_step.twist 
_ndb_struct_na_base_pair_step.x_displacement 
_ndb_struct_na_base_pair_step.y_displacement 
_ndb_struct_na_base_pair_step.helical_rise 
_ndb_struct_na_base_pair_step.inclination 
_ndb_struct_na_base_pair_step.tip 
_ndb_struct_na_base_pair_step.helical_twist 
_ndb_struct_na_base_pair_step.step_number 
_ndb_struct_na_base_pair_step.step_name 
_ndb_struct_na_base_pair_step.i_auth_asym_id_1 
_ndb_struct_na_base_pair_step.i_auth_seq_id_1 
_ndb_struct_na_base_pair_step.i_PDB_ins_code_1 
_ndb_struct_na_base_pair_step.j_auth_asym_id_1 
_ndb_struct_na_base_pair_step.j_auth_seq_id_1 
_ndb_struct_na_base_pair_step.j_PDB_ins_code_1 
_ndb_struct_na_base_pair_step.i_auth_asym_id_2 
_ndb_struct_na_base_pair_step.i_auth_seq_id_2 
_ndb_struct_na_base_pair_step.i_PDB_ins_code_2 
_ndb_struct_na_base_pair_step.j_auth_asym_id_2 
_ndb_struct_na_base_pair_step.j_auth_seq_id_2 
_ndb_struct_na_base_pair_step.j_PDB_ins_code_2 
1 A DC 1 1_555 A DG 16 1_555 A DG 2 1_555 A DC 15 1_555 -0.117 4.823  3.990 5.861  5.490  -0.971  -39.690 5.041  -2.709 -56.822 
60.657 -8.089  1 AA_DC1DG2:DC15DG16_AA A 1 ? A 16 ? A 2 ? A 15 ? 
1 A DG 2 1_555 A DC 15 1_555 A DC 3 1_555 A DG 14 1_555 -0.288 -0.524 3.497 -0.644 -0.581 -58.444 0.569   -0.331 3.489  0.595   
-0.659 -58.450 2 AA_DG2DC3:DG14DC15_AA A 2 ? A 15 ? A 3 ? A 14 ? 
1 A DC 3 1_555 A DG 14 1_555 A DG 4 1_555 A DC 13 1_555 -0.445 5.356  3.904 1.611  -7.481 -4.815  1.941   4.915  6.590  56.572  
12.186 -9.040  3 AA_DC3DG4:DC13DG14_AA A 3 ? A 14 ? A 4 ? A 13 ? 
1 A DG 4 1_555 A DC 13 1_555 A DC 5 1_555 A DG 12 1_555 0.236  -0.682 2.830 2.556  -5.911 -50.146 1.157   0.431  2.724  6.941   
3.002  -50.532 4 AA_DG4DC5:DG12DC13_AA A 4 ? A 13 ? A 5 ? A 12 ? 
1 A DC 5 1_555 A DG 12 1_555 A DG 6 1_555 A DC 11 1_555 -0.089 5.720  3.563 4.919  -5.415 -10.440 -16.390 8.120  5.379  25.975  
23.597 -12.742 5 AA_DC5DG6:DC11DG12_AA A 5 ? A 12 ? A 6 ? A 11 ? 
# 
_atom_sites.entry_id                    1D16 
_atom_sites.fract_transf_matrix[1][1]   0.01454845 
_atom_sites.fract_transf_matrix[1][2]   -0.00827483 
_atom_sites.fract_transf_matrix[1][3]   -0.00531869 
_atom_sites.fract_transf_matrix[2][1]   0.00676755 
_atom_sites.fract_transf_matrix[2][2]   0.03254864 
_atom_sites.fract_transf_matrix[2][3]   -0.03212762 
_atom_sites.fract_transf_matrix[3][1]   0.01693261 
_atom_sites.fract_transf_matrix[3][2]   0.01341475 
_atom_sites.fract_transf_matrix[3][3]   0.01715733 
_atom_sites.fract_transf_vector[1]      0.261556 
_atom_sites.fract_transf_vector[2]      -0.062968 
_atom_sites.fract_transf_vector[3]      0.217479 
# 
loop_
_atom_type.symbol 
C 
N 
O 
P 
# 
loop_
_atom_site.group_PDB 
_atom_site.id 
_atom_site.type_symbol 
_atom_site.label_atom_id 
_atom_site.label_alt_id 
_atom_site.label_comp_id 
_atom_site.label_asym_id 
_atom_site.label_entity_id 
_atom_site.label_seq_id 
_atom_site.pdbx_PDB_ins_code 
_atom_site.Cartn_x 
_atom_site.Cartn_y 
_atom_site.Cartn_z 
_atom_site.occupancy 
_atom_site.B_iso_or_equiv 
_atom_site.pdbx_formal_charge 
_atom_site.auth_seq_id 
_atom_site.auth_comp_id 
_atom_site.auth_asym_id 
_atom_site.auth_atom_id 
_atom_site.pdbx_PDB_model_num 
ATOM   1   O "O5'" . DC  A 1 1  ? -14.199 1.247   -5.366  1.00 10.00 ? 1  DC  A "O5'" 1 
ATOM   2   C "C5'" . DC  A 1 1  ? -13.211 0.179   -5.100  1.00 10.00 ? 1  DC  A "C5'" 1 
ATOM   3   C "C4'" . DC  A 1 1  ? -12.732 0.300   -3.678  1.00 10.00 ? 1  DC  A "C4'" 1 
ATOM   4   O "O4'" . DC  A 1 1  ? -11.672 1.289   -3.710  1.00 0.87  ? 1  DC  A "O4'" 1 
ATOM   5   C "C3'" . DC  A 1 1  ? -13.552 0.886   -2.581  1.00 1.54  ? 1  DC  A "C3'" 1 
ATOM   6   O "O3'" . DC  A 1 1  ? -12.982 0.762   -1.246  1.00 7.61  ? 1  DC  A "O3'" 1 
ATOM   7   C "C2'" . DC  A 1 1  ? -13.634 2.385   -2.886  1.00 2.73  ? 1  DC  A "C2'" 1 
ATOM   8   C "C1'" . DC  A 1 1  ? -12.168 2.566   -3.197  1.00 10.00 ? 1  DC  A "C1'" 1 
ATOM   9   N N1    . DC  A 1 1  ? -11.946 3.632   -4.174  1.00 10.00 ? 1  DC  A N1    1 
ATOM   10  C C2    . DC  A 1 1  ? -11.567 4.853   -3.644  1.00 10.00 ? 1  DC  A C2    1 
ATOM   11  O O2    . DC  A 1 1  ? -11.456 4.970   -2.435  1.00 10.00 ? 1  DC  A O2    1 
ATOM   12  N N3    . DC  A 1 1  ? -11.346 5.892   -4.506  1.00 10.00 ? 1  DC  A N3    1 
ATOM   13  C C4    . DC  A 1 1  ? -11.456 5.723   -5.862  1.00 10.00 ? 1  DC  A C4    1 
ATOM   14  N N4    . DC  A 1 1  ? -11.208 6.767   -6.637  1.00 10.00 ? 1  DC  A N4    1 
ATOM   15  C C5    . DC  A 1 1  ? -11.818 4.466   -6.399  1.00 10.00 ? 1  DC  A C5    1 
ATOM   16  C C6    . DC  A 1 1  ? -12.054 3.460   -5.519  1.00 10.00 ? 1  DC  A C6    1 
ATOM   17  P P     . DG  A 1 2  ? -13.562 -0.498  -0.400  1.00 9.93  ? 2  DG  A P     1 
ATOM   18  O OP1   . DG  A 1 2  ? -14.927 -0.635  -1.045  1.00 14.81 ? 2  DG  A OP1   1 
ATOM   19  O OP2   . DG  A 1 2  ? -13.469 -0.111  1.037   1.00 16.97 ? 2  DG  A OP2   1 
ATOM   20  O "O5'" . DG  A 1 2  ? -12.721 -1.794  -0.730  1.00 15.55 ? 2  DG  A "O5'" 1 
ATOM   21  C "C5'" . DG  A 1 2  ? -11.324 -1.998  -0.369  1.00 12.00 ? 2  DG  A "C5'" 1 
ATOM   22  C "C4'" . DG  A 1 2  ? -10.809 -3.044  -1.318  1.00 10.37 ? 2  DG  A "C4'" 1 
ATOM   23  O "O4'" . DG  A 1 2  ? -11.281 -2.758  -2.639  1.00 10.15 ? 2  DG  A "O4'" 1 
ATOM   24  C "C3'" . DG  A 1 2  ? -9.302  -3.078  -1.450  1.00 9.93  ? 2  DG  A "C3'" 1 
ATOM   25  O "O3'" . DG  A 1 2  ? -8.539  -3.801  -0.512  1.00 11.19 ? 2  DG  A "O3'" 1 
ATOM   26  C "C2'" . DG  A 1 2  ? -9.183  -3.760  -2.829  1.00 10.82 ? 2  DG  A "C2'" 1 
ATOM   27  C "C1'" . DG  A 1 2  ? -10.337 -3.193  -3.650  1.00 7.95  ? 2  DG  A "C1'" 1 
ATOM   28  N N9    . DG  A 1 2  ? -9.930  -2.102  -4.554  1.00 6.94  ? 2  DG  A N9    1 
ATOM   29  C C8    . DG  A 1 2  ? -9.877  -2.157  -5.940  1.00 4.02  ? 2  DG  A C8    1 
ATOM   30  N N7    . DG  A 1 2  ? -9.479  -1.037  -6.480  1.00 2.76  ? 2  DG  A N7    1 
ATOM   31  C C5    . DG  A 1 2  ? -9.240  -0.178  -5.398  1.00 4.75  ? 2  DG  A C5    1 
ATOM   32  C C6    . DG  A 1 2  ? -8.822  1.164   -5.345  1.00 6.94  ? 2  DG  A C6    1 
ATOM   33  O O6    . DG  A 1 2  ? -8.517  1.959   -6.257  1.00 7.97  ? 2  DG  A O6    1 
ATOM   34  N N1    . DG  A 1 2  ? -8.704  1.730   -4.080  1.00 5.68  ? 2  DG  A N1    1 
ATOM   35  C C2    . DG  A 1 2  ? -9.001  0.964   -2.985  1.00 7.04  ? 2  DG  A C2    1 
ATOM   36  N N2    . DG  A 1 2  ? -8.832  1.656   -1.832  1.00 6.83  ? 2  DG  A N2    1 
ATOM   37  N N3    . DG  A 1 2  ? -9.427  -0.317  -2.984  1.00 7.42  ? 2  DG  A N3    1 
ATOM   38  C C4    . DG  A 1 2  ? -9.519  -0.821  -4.218  1.00 5.45  ? 2  DG  A C4    1 
ATOM   39  P P     . DC  A 1 3  ? -8.437  -4.000  1.034   1.00 11.93 ? 3  DC  A P     1 
ATOM   40  O OP1   . DC  A 1 3  ? -8.027  -5.419  1.302   1.00 14.15 ? 3  DC  A OP1   1 
ATOM   41  O OP2   . DC  A 1 3  ? -9.871  -3.769  1.512   1.00 14.36 ? 3  DC  A OP2   1 
ATOM   42  O "O5'" . DC  A 1 3  ? -7.419  -3.026  1.837   1.00 3.47  ? 3  DC  A "O5'" 1 
ATOM   43  C "C5'" . DC  A 1 3  ? -6.112  -2.796  1.253   1.00 4.87  ? 3  DC  A "C5'" 1 
ATOM   44  C "C4'" . DC  A 1 3  ? -5.508  -1.509  1.732   1.00 1.93  ? 3  DC  A "C4'" 1 
ATOM   45  O "O4'" . DC  A 1 3  ? -4.761  -0.888  0.720   1.00 2.82  ? 3  DC  A "O4'" 1 
ATOM   46  C "C3'" . DC  A 1 3  ? -6.558  -0.461  2.077   1.00 6.18  ? 3  DC  A "C3'" 1 
ATOM   47  O "O3'" . DC  A 1 3  ? -6.062  0.611   2.877   1.00 7.29  ? 3  DC  A "O3'" 1 
ATOM   48  C "C2'" . DC  A 1 3  ? -6.996  -0.145  0.613   1.00 5.49  ? 3  DC  A "C2'" 1 
ATOM   49  C "C1'" . DC  A 1 3  ? -5.661  -0.074  -0.112  1.00 3.63  ? 3  DC  A "C1'" 1 
ATOM   50  N N1    . DC  A 1 3  ? -5.708  -0.458  -1.544  1.00 1.46  ? 3  DC  A N1    1 
ATOM   51  C C2    . DC  A 1 3  ? -5.330  0.587   -2.379  1.00 3.29  ? 3  DC  A C2    1 
ATOM   52  O O2    . DC  A 1 3  ? -4.995  1.696   -1.966  1.00 4.25  ? 3  DC  A O2    1 
ATOM   53  N N3    . DC  A 1 3  ? -5.287  0.435   -3.735  1.00 4.23  ? 3  DC  A N3    1 
ATOM   54  C C4    . DC  A 1 3  ? -5.643  -0.802  -4.288  1.00 3.15  ? 3  DC  A C4    1 
ATOM   55  N N4    . DC  A 1 3  ? -5.603  -0.891  -5.599  1.00 10.00 ? 3  DC  A N4    1 
ATOM   56  C C5    . DC  A 1 3  ? -6.040  -1.882  -3.431  1.00 3.31  ? 3  DC  A C5    1 
ATOM   57  C C6    . DC  A 1 3  ? -6.034  -1.617  -2.099  1.00 3.99  ? 3  DC  A C6    1 
ATOM   58  P P     . DG  A 1 4  ? -6.257  0.650   4.520   1.00 10.34 ? 4  DG  A P     1 
ATOM   59  O OP1   . DG  A 1 4  ? -7.728  0.855   4.634   1.00 10.00 ? 4  DG  A OP1   1 
ATOM   60  O OP2   . DG  A 1 4  ? -5.430  1.731   5.137   1.00 6.39  ? 4  DG  A OP2   1 
ATOM   61  O "O5'" . DG  A 1 4  ? -5.584  -0.803  4.788   1.00 1.61  ? 4  DG  A "O5'" 1 
ATOM   62  C "C5'" . DG  A 1 4  ? -4.169  -0.834  4.418   1.00 3.50  ? 4  DG  A "C5'" 1 
ATOM   63  C "C4'" . DG  A 1 4  ? -3.736  -2.231  4.919   1.00 3.83  ? 4  DG  A "C4'" 1 
ATOM   64  O "O4'" . DG  A 1 4  ? -4.350  -3.229  4.132   1.00 2.59  ? 4  DG  A "O4'" 1 
ATOM   65  C "C3'" . DG  A 1 4  ? -2.255  -2.467  4.826   1.00 6.11  ? 4  DG  A "C3'" 1 
ATOM   66  O "O3'" . DG  A 1 4  ? -1.637  -1.831  5.957   1.00 11.31 ? 4  DG  A "O3'" 1 
ATOM   67  C "C2'" . DG  A 1 4  ? -2.112  -4.003  4.727   1.00 4.49  ? 4  DG  A "C2'" 1 
ATOM   68  C "C1'" . DG  A 1 4  ? -3.428  -4.388  4.153   1.00 3.81  ? 4  DG  A "C1'" 1 
ATOM   69  N N9    . DG  A 1 4  ? -3.433  -4.728  2.732   1.00 0.21  ? 4  DG  A N9    1 
ATOM   70  C C8    . DG  A 1 4  ? -3.865  -5.875  2.150   1.00 1.74  ? 4  DG  A C8    1 
ATOM   71  N N7    . DG  A 1 4  ? -3.764  -5.897  0.843   1.00 1.37  ? 4  DG  A N7    1 
ATOM   72  C C5    . DG  A 1 4  ? -3.210  -4.614  0.587   1.00 1.23  ? 4  DG  A C5    1 
ATOM   73  C C6    . DG  A 1 4  ? -2.868  -4.004  -0.647  1.00 1.36  ? 4  DG  A C6    1 
ATOM   74  O O6    . DG  A 1 4  ? -3.001  -4.554  -1.752  1.00 3.50  ? 4  DG  A O6    1 
ATOM   75  N N1    . DG  A 1 4  ? -2.369  -2.745  -0.527  1.00 0.14  ? 4  DG  A N1    1 
ATOM   76  C C2    . DG  A 1 4  ? -2.218  -2.133  0.682   1.00 0.57  ? 4  DG  A C2    1 
ATOM   77  N N2    . DG  A 1 4  ? -1.712  -0.910  0.579   1.00 0.58  ? 4  DG  A N2    1 
ATOM   78  N N3    . DG  A 1 4  ? -2.513  -2.629  1.867   1.00 0.47  ? 4  DG  A N3    1 
ATOM   79  C C4    . DG  A 1 4  ? -3.024  -3.886  1.733   1.00 0.28  ? 4  DG  A C4    1 
ATOM   80  P P     . DC  A 1 5  ? -0.247  -2.237  6.650   1.00 13.62 ? 5  DC  A P     1 
ATOM   81  O OP1   . DC  A 1 5  ? -0.153  -3.706  6.524   1.00 6.85  ? 5  DC  A OP1   1 
ATOM   82  O OP2   . DC  A 1 5  ? -0.444  -1.731  8.070   1.00 15.18 ? 5  DC  A OP2   1 
ATOM   83  O "O5'" . DC  A 1 5  ? 0.918   -1.465  5.907   1.00 8.33  ? 5  DC  A "O5'" 1 
ATOM   84  C "C5'" . DC  A 1 5  ? 2.341   -1.771  5.970   1.00 4.85  ? 5  DC  A "C5'" 1 
ATOM   85  C "C4'" . DC  A 1 5  ? 2.952   -0.863  4.915   1.00 6.38  ? 5  DC  A "C4'" 1 
ATOM   86  O "O4'" . DC  A 1 5  ? 3.196   -1.793  3.850   1.00 6.54  ? 5  DC  A "O4'" 1 
ATOM   87  C "C3'" . DC  A 1 5  ? 2.081   0.297   4.429   1.00 7.85  ? 5  DC  A "C3'" 1 
ATOM   88  O "O3'" . DC  A 1 5  ? 2.626   1.555   4.057   1.00 11.04 ? 5  DC  A "O3'" 1 
ATOM   89  C "C2'" . DC  A 1 5  ? 1.450   -0.262  3.141   1.00 5.21  ? 5  DC  A "C2'" 1 
ATOM   90  C "C1'" . DC  A 1 5  ? 2.484   -1.291  2.702   1.00 4.41  ? 5  DC  A "C1'" 1 
ATOM   91  N N1    . DC  A 1 5  ? 1.783   -2.392  2.065   1.00 0.77  ? 5  DC  A N1    1 
ATOM   92  C C2    . DC  A 1 5  ? 1.519   -2.246  0.685   1.00 2.90  ? 5  DC  A C2    1 
ATOM   93  O O2    . DC  A 1 5  ? 1.860   -1.241  0.051   1.00 5.58  ? 5  DC  A O2    1 
ATOM   94  N N3    . DC  A 1 5  ? 0.873   -3.258  0.037   1.00 0.73  ? 5  DC  A N3    1 
ATOM   95  C C4    . DC  A 1 5  ? 0.473   -4.365  0.762   1.00 10.00 ? 5  DC  A C4    1 
ATOM   96  N N4    . DC  A 1 5  ? -0.156  -5.299  0.079   1.00 2.80  ? 5  DC  A N4    1 
ATOM   97  C C5    . DC  A 1 5  ? 0.730   -4.524  2.124   1.00 10.00 ? 5  DC  A C5    1 
ATOM   98  C C6    . DC  A 1 5  ? 1.386   -3.489  2.725   1.00 0.57  ? 5  DC  A C6    1 
ATOM   99  P P     . DG  A 1 6  ? 3.743   2.538   4.681   1.00 10.16 ? 6  DG  A P     1 
ATOM   100 O OP1   . DG  A 1 6  ? 3.068   3.086   5.913   1.00 10.17 ? 6  DG  A OP1   1 
ATOM   101 O OP2   . DG  A 1 6  ? 4.054   3.532   3.590   1.00 9.62  ? 6  DG  A OP2   1 
ATOM   102 O "O5'" . DG  A 1 6  ? 4.968   1.556   4.990   1.00 5.86  ? 6  DG  A "O5'" 1 
ATOM   103 C "C5'" . DG  A 1 6  ? 4.872   0.982   6.337   1.00 7.73  ? 6  DG  A "C5'" 1 
ATOM   104 C "C4'" . DG  A 1 6  ? 6.250   1.133   6.958   1.00 6.45  ? 6  DG  A "C4'" 1 
ATOM   105 O "O4'" . DG  A 1 6  ? 6.453   0.064   7.840   1.00 7.10  ? 6  DG  A "O4'" 1 
ATOM   106 C "C3'" . DG  A 1 6  ? 7.332   1.120   5.895   1.00 6.18  ? 6  DG  A "C3'" 1 
ATOM   107 O "O3'" . DG  A 1 6  ? 8.372   2.081   6.095   1.00 5.41  ? 6  DG  A "O3'" 1 
ATOM   108 C "C2'" . DG  A 1 6  ? 7.813   -0.335  5.957   1.00 9.37  ? 6  DG  A "C2'" 1 
ATOM   109 C "C1'" . DG  A 1 6  ? 7.169   -0.982  7.159   1.00 8.09  ? 6  DG  A "C1'" 1 
ATOM   110 N N9    . DG  A 1 6  ? 6.364   -2.127  6.679   1.00 5.90  ? 6  DG  A N9    1 
ATOM   111 C C8    . DG  A 1 6  ? 5.858   -3.106  7.513   1.00 5.17  ? 6  DG  A C8    1 
ATOM   112 N N7    . DG  A 1 6  ? 5.196   -4.019  6.881   1.00 4.13  ? 6  DG  A N7    1 
ATOM   113 C C5    . DG  A 1 6  ? 5.246   -3.638  5.560   1.00 3.97  ? 6  DG  A C5    1 
ATOM   114 C C6    . DG  A 1 6  ? 4.699   -4.215  4.377   1.00 5.47  ? 6  DG  A C6    1 
ATOM   115 O O6    . DG  A 1 6  ? 4.039   -5.263  4.412   1.00 8.31  ? 6  DG  A O6    1 
ATOM   116 N N1    . DG  A 1 6  ? 4.956   -3.537  3.198   1.00 1.91  ? 6  DG  A N1    1 
ATOM   117 C C2    . DG  A 1 6  ? 5.688   -2.380  3.232   1.00 3.06  ? 6  DG  A C2    1 
ATOM   118 N N2    . DG  A 1 6  ? 5.937   -1.707  2.115   1.00 2.61  ? 6  DG  A N2    1 
ATOM   119 N N3    . DG  A 1 6  ? 6.226   -1.799  4.309   1.00 5.44  ? 6  DG  A N3    1 
ATOM   120 C C4    . DG  A 1 6  ? 5.968   -2.484  5.437   1.00 3.60  ? 6  DG  A C4    1 
ATOM   121 P P     . DT  A 1 7  ? 9.583   2.091   5.031   1.00 7.45  ? 7  DT  A P     1 
ATOM   122 O OP1   . DT  A 1 7  ? 10.232  3.448   4.884   1.00 16.93 ? 7  DT  A OP1   1 
ATOM   123 O OP2   . DT  A 1 7  ? 9.015   1.819   3.693   1.00 15.66 ? 7  DT  A OP2   1 
ATOM   124 O "O5'" . DT  A 1 7  ? 10.514  0.939   5.573   1.00 15.90 ? 7  DT  A "O5'" 1 
ATOM   125 C "C5'" . DT  A 1 7  ? 11.533  0.885   6.619   1.00 17.87 ? 7  DT  A "C5'" 1 
ATOM   126 C "C4'" . DT  A 1 7  ? 11.952  -0.591  6.567   1.00 20.93 ? 7  DT  A "C4'" 1 
ATOM   127 O "O4'" . DT  A 1 7  ? 12.533  -0.763  5.283   1.00 20.14 ? 7  DT  A "O4'" 1 
ATOM   128 C "C3'" . DT  A 1 7  ? 12.966  -1.139  7.579   1.00 23.39 ? 7  DT  A "C3'" 1 
ATOM   129 O "O3'" . DT  A 1 7  ? 12.415  -1.792  8.723   1.00 25.45 ? 7  DT  A "O3'" 1 
ATOM   130 C "C2'" . DT  A 1 7  ? 13.798  -2.109  6.719   1.00 23.48 ? 7  DT  A "C2'" 1 
ATOM   131 C "C1'" . DT  A 1 7  ? 13.795  -1.442  5.390   1.00 22.84 ? 7  DT  A "C1'" 1 
ATOM   132 N N1    . DT  A 1 7  ? 14.905  -0.474  5.340   1.00 24.16 ? 7  DT  A N1    1 
ATOM   133 C C2    . DT  A 1 7  ? 15.772  -0.596  4.275   1.00 24.92 ? 7  DT  A C2    1 
ATOM   134 O O2    . DT  A 1 7  ? 15.627  -1.458  3.431   1.00 24.20 ? 7  DT  A O2    1 
ATOM   135 N N3    . DT  A 1 7  ? 16.830  0.285   4.181   1.00 26.19 ? 7  DT  A N3    1 
ATOM   136 C C4    . DT  A 1 7  ? 17.002  1.265   5.116   1.00 26.88 ? 7  DT  A C4    1 
ATOM   137 O O4    . DT  A 1 7  ? 18.004  2.040   4.943   1.00 28.31 ? 7  DT  A O4    1 
ATOM   138 C C5    . DT  A 1 7  ? 16.083  1.370   6.220   1.00 26.31 ? 7  DT  A C5    1 
ATOM   139 C C7    . DT  A 1 7  ? 16.298  2.458   7.260   1.00 25.53 ? 7  DT  A C7    1 
ATOM   140 C C6    . DT  A 1 7  ? 15.071  0.488   6.288   1.00 24.75 ? 7  DT  A C6    1 
ATOM   141 P P     . DT  A 1 8  ? 12.122  -3.336  9.064   1.00 27.67 ? 8  DT  A P     1 
ATOM   142 O OP1   . DT  A 1 8  ? 11.418  -3.485  10.377  1.00 28.40 ? 8  DT  A OP1   1 
ATOM   143 O OP2   . DT  A 1 8  ? 13.500  -3.896  9.098   1.00 26.58 ? 8  DT  A OP2   1 
ATOM   144 O "O5'" . DT  A 1 8  ? 11.261  -3.933  7.863   1.00 24.10 ? 8  DT  A "O5'" 1 
ATOM   145 C "C5'" . DT  A 1 8  ? 10.511  -3.057  7.021   1.00 22.54 ? 8  DT  A "C5'" 1 
ATOM   146 C "C4'" . DT  A 1 8  ? 9.441   -3.842  6.317   1.00 21.97 ? 8  DT  A "C4'" 1 
ATOM   147 O "O4'" . DT  A 1 8  ? 9.076   -3.091  5.165   1.00 21.52 ? 8  DT  A "O4'" 1 
ATOM   148 C "C3'" . DT  A 1 8  ? 9.829   -5.212  5.765   1.00 22.06 ? 8  DT  A "C3'" 1 
ATOM   149 O "O3'" . DT  A 1 8  ? 8.736   -6.033  5.387   1.00 23.09 ? 8  DT  A "O3'" 1 
ATOM   150 C "C2'" . DT  A 1 8  ? 10.698  -4.739  4.590   1.00 21.05 ? 8  DT  A "C2'" 1 
ATOM   151 C "C1'" . DT  A 1 8  ? 9.770   -3.629  4.025   1.00 19.29 ? 8  DT  A "C1'" 1 
ATOM   152 N N1    . DT  A 1 8  ? 10.508  -2.606  3.268   1.00 16.56 ? 8  DT  A N1    1 
ATOM   153 C C2    . DT  A 1 8  ? 9.916   -1.386  3.042   1.00 15.21 ? 8  DT  A C2    1 
ATOM   154 O O2    . DT  A 1 8  ? 8.807   -1.163  3.479   1.00 16.34 ? 8  DT  A O2    1 
ATOM   155 N N3    . DT  A 1 8  ? 10.600  -0.444  2.319   1.00 15.29 ? 8  DT  A N3    1 
ATOM   156 C C4    . DT  A 1 8  ? 11.853  -0.700  1.819   1.00 16.90 ? 8  DT  A C4    1 
ATOM   157 O O4    . DT  A 1 8  ? 12.451  0.208   1.160   1.00 17.76 ? 8  DT  A O4    1 
ATOM   158 C C5    . DT  A 1 8  ? 12.463  -1.967  2.056   1.00 15.59 ? 8  DT  A C5    1 
ATOM   159 C C7    . DT  A 1 8  ? 13.825  -2.329  1.550   1.00 15.91 ? 8  DT  A C7    1 
ATOM   160 C C6    . DT  A 1 8  ? 11.766  -2.846  2.755   1.00 16.99 ? 8  DT  A C6    1 
ATOM   161 P P     . DT  A 1 9  ? 8.705   -7.618  5.042   1.00 26.78 ? 9  DT  A P     1 
ATOM   162 O OP1   . DT  A 1 9  ? 8.033   -8.363  6.172   1.00 25.23 ? 9  DT  A OP1   1 
ATOM   163 O OP2   . DT  A 1 9  ? 10.108  -7.971  4.691   1.00 26.80 ? 9  DT  A OP2   1 
ATOM   164 O "O5'" . DT  A 1 9  ? 7.799   -7.740  3.695   1.00 19.99 ? 9  DT  A "O5'" 1 
ATOM   165 C "C5'" . DT  A 1 9  ? 7.074   -6.530  3.441   1.00 19.12 ? 9  DT  A "C5'" 1 
ATOM   166 C "C4'" . DT  A 1 9  ? 7.032   -6.184  1.999   1.00 19.09 ? 9  DT  A "C4'" 1 
ATOM   167 O "O4'" . DT  A 1 9  ? 8.202   -5.368  1.781   1.00 20.18 ? 9  DT  A "O4'" 1 
ATOM   168 C "C3'" . DT  A 1 9  ? 7.214   -7.209  0.874   1.00 18.11 ? 9  DT  A "C3'" 1 
ATOM   169 O "O3'" . DT  A 1 9  ? 6.146   -8.109  0.613   1.00 13.40 ? 9  DT  A "O3'" 1 
ATOM   170 C "C2'" . DT  A 1 9  ? 7.404   -6.239  -0.301  1.00 19.07 ? 9  DT  A "C2'" 1 
ATOM   171 C "C1'" . DT  A 1 9  ? 7.857   -4.980  0.424   1.00 23.14 ? 9  DT  A "C1'" 1 
ATOM   172 N N1    . DT  A 1 9  ? 8.992   -4.388  -0.285  1.00 25.48 ? 9  DT  A N1    1 
ATOM   173 C C2    . DT  A 1 9  ? 10.116  -5.196  -0.412  1.00 27.46 ? 9  DT  A C2    1 
ATOM   174 O O2    . DT  A 1 9  ? 10.117  -6.334  0.063   1.00 28.37 ? 9  DT  A O2    1 
ATOM   175 N N3    . DT  A 1 9  ? 11.216  -4.699  -1.071  1.00 28.25 ? 9  DT  A N3    1 
ATOM   176 C C4    . DT  A 1 9  ? 11.198  -3.431  -1.589  1.00 28.14 ? 9  DT  A C4    1 
ATOM   177 O O4    . DT  A 1 9  ? 12.257  -3.052  -2.178  1.00 29.52 ? 9  DT  A O4    1 
ATOM   178 C C5    . DT  A 1 9  ? 10.038  -2.625  -1.447  1.00 27.76 ? 9  DT  A C5    1 
ATOM   179 C C7    . DT  A 1 9  ? 9.988   -1.230  -2.005  1.00 29.21 ? 9  DT  A C7    1 
ATOM   180 C C6    . DT  A 1 9  ? 8.971   -3.130  -0.798  1.00 26.80 ? 9  DT  A C6    1 
ATOM   181 P P     . DT  A 1 10 ? 6.296   -9.689  0.734   1.00 19.75 ? 10 DT  A P     1 
ATOM   182 O OP1   . DT  A 1 10 ? 5.295   -10.208 1.777   1.00 19.60 ? 10 DT  A OP1   1 
ATOM   183 O OP2   . DT  A 1 10 ? 7.718   -9.821  1.182   1.00 12.72 ? 10 DT  A OP2   1 
ATOM   184 O "O5'" . DT  A 1 10 ? 5.897   -10.396 -0.628  1.00 10.46 ? 10 DT  A "O5'" 1 
ATOM   185 C "C5'" . DT  A 1 10 ? 5.247   -9.508  -1.585  1.00 13.84 ? 10 DT  A "C5'" 1 
ATOM   186 C "C4'" . DT  A 1 10 ? 6.135   -9.315  -2.785  1.00 15.38 ? 10 DT  A "C4'" 1 
ATOM   187 O "O4'" . DT  A 1 10 ? 6.773   -10.533 -3.040  1.00 16.69 ? 10 DT  A "O4'" 1 
ATOM   188 C "C3'" . DT  A 1 10 ? 5.440   -8.989  -4.103  1.00 17.30 ? 10 DT  A "C3'" 1 
ATOM   189 O "O3'" . DT  A 1 10 ? 5.947   -7.748  -4.631  1.00 20.35 ? 10 DT  A "O3'" 1 
ATOM   190 C "C2'" . DT  A 1 10 ? 5.660   -10.187 -5.021  1.00 15.51 ? 10 DT  A "C2'" 1 
ATOM   191 C "C1'" . DT  A 1 10 ? 6.701   -11.043 -4.400  1.00 15.55 ? 10 DT  A "C1'" 1 
ATOM   192 N N1    . DT  A 1 10 ? 6.511   -12.500 -4.228  1.00 17.60 ? 10 DT  A N1    1 
ATOM   193 C C2    . DT  A 1 10 ? 6.122   -13.287 -5.310  1.00 17.09 ? 10 DT  A C2    1 
ATOM   194 O O2    . DT  A 1 10 ? 5.919   -12.803 -6.409  1.00 17.93 ? 10 DT  A O2    1 
ATOM   195 N N3    . DT  A 1 10 ? 5.962   -14.614 -5.110  1.00 16.42 ? 10 DT  A N3    1 
ATOM   196 C C4    . DT  A 1 10 ? 6.182   -15.196 -3.905  1.00 17.12 ? 10 DT  A C4    1 
ATOM   197 O O4    . DT  A 1 10 ? 6.008   -16.437 -3.802  1.00 19.50 ? 10 DT  A O4    1 
ATOM   198 C C5    . DT  A 1 10 ? 6.581   -14.388 -2.810  1.00 17.70 ? 10 DT  A C5    1 
ATOM   199 C C7    . DT  A 1 10 ? 6.830   -15.004 -1.454  1.00 19.27 ? 10 DT  A C7    1 
ATOM   200 C C6    . DT  A 1 10 ? 6.737   -13.085 -3.003  1.00 16.48 ? 10 DT  A C6    1 
ATOM   201 P P     . DC  A 1 11 ? 5.523   -7.125  -6.080  1.00 20.88 ? 11 DC  A P     1 
ATOM   202 O OP1   . DC  A 1 11 ? 4.067   -7.466  -6.451  1.00 25.05 ? 11 DC  A OP1   1 
ATOM   203 O OP2   . DC  A 1 11 ? 6.421   -7.923  -6.954  1.00 16.92 ? 11 DC  A OP2   1 
ATOM   204 O "O5'" . DC  A 1 11 ? 5.518   -5.551  -5.854  1.00 12.33 ? 11 DC  A "O5'" 1 
ATOM   205 C "C5'" . DC  A 1 11 ? 4.182   -4.960  -5.971  1.00 11.18 ? 11 DC  A "C5'" 1 
ATOM   206 C "C4'" . DC  A 1 11 ? 4.172   -3.678  -5.193  1.00 11.68 ? 11 DC  A "C4'" 1 
ATOM   207 O "O4'" . DC  A 1 11 ? 3.446   -3.888  -3.996  1.00 10.53 ? 11 DC  A "O4'" 1 
ATOM   208 C "C3'" . DC  A 1 11 ? 5.581   -3.191  -4.802  1.00 11.37 ? 11 DC  A "C3'" 1 
ATOM   209 O "O3'" . DC  A 1 11 ? 5.725   -1.812  -5.014  1.00 14.09 ? 11 DC  A "O3'" 1 
ATOM   210 C "C2'" . DC  A 1 11 ? 5.687   -3.576  -3.333  1.00 9.08  ? 11 DC  A "C2'" 1 
ATOM   211 C "C1'" . DC  A 1 11 ? 4.238   -3.473  -2.870  1.00 4.39  ? 11 DC  A "C1'" 1 
ATOM   212 N N1    . DC  A 1 11 ? 3.983   -4.329  -1.728  1.00 1.05  ? 11 DC  A N1    1 
ATOM   213 C C2    . DC  A 1 11 ? 4.468   -3.876  -0.503  1.00 10.00 ? 11 DC  A C2    1 
ATOM   214 O O2    . DC  A 1 11 ? 5.067   -2.814  -0.404  1.00 4.42  ? 11 DC  A O2    1 
ATOM   215 N N3    . DC  A 1 11 ? 4.261   -4.608  0.575   1.00 10.00 ? 11 DC  A N3    1 
ATOM   216 C C4    . DC  A 1 11 ? 3.593   -5.806  0.575   1.00 10.00 ? 11 DC  A C4    1 
ATOM   217 N N4    . DC  A 1 11 ? 3.500   -6.393  1.778   1.00 10.00 ? 11 DC  A N4    1 
ATOM   218 C C5    . DC  A 1 11 ? 3.088   -6.304  -0.653  1.00 10.00 ? 11 DC  A C5    1 
ATOM   219 C C6    . DC  A 1 11 ? 3.313   -5.531  -1.746  1.00 1.85  ? 11 DC  A C6    1 
ATOM   220 P P     . DG  A 1 12 ? 6.214   -0.990  -6.308  1.00 19.25 ? 12 DG  A P     1 
ATOM   221 O OP1   . DG  A 1 12 ? 7.336   -1.619  -7.075  1.00 11.55 ? 12 DG  A OP1   1 
ATOM   222 O OP2   . DG  A 1 12 ? 6.408   0.314   -5.608  1.00 15.04 ? 12 DG  A OP2   1 
ATOM   223 O "O5'" . DG  A 1 12 ? 4.900   -0.935  -7.263  1.00 11.18 ? 12 DG  A "O5'" 1 
ATOM   224 C "C5'" . DG  A 1 12 ? 3.621   -0.619  -6.668  1.00 7.33  ? 12 DG  A "C5'" 1 
ATOM   225 C "C4'" . DG  A 1 12 ? 2.677   -0.593  -7.877  1.00 5.05  ? 12 DG  A "C4'" 1 
ATOM   226 O "O4'" . DG  A 1 12 ? 2.590   -1.944  -8.233  1.00 3.55  ? 12 DG  A "O4'" 1 
ATOM   227 C "C3'" . DG  A 1 12 ? 1.324   -0.008  -7.582  1.00 5.20  ? 12 DG  A "C3'" 1 
ATOM   228 O "O3'" . DG  A 1 12 ? 0.909   1.154   -8.326  1.00 3.98  ? 12 DG  A "O3'" 1 
ATOM   229 C "C2'" . DG  A 1 12 ? 0.376   -1.128  -7.961  1.00 5.40  ? 12 DG  A "C2'" 1 
ATOM   230 C "C1'" . DG  A 1 12 ? 1.224   -2.354  -8.115  1.00 1.76  ? 12 DG  A "C1'" 1 
ATOM   231 N N9    . DG  A 1 12 ? 0.860   -3.169  -6.943  1.00 0.04  ? 12 DG  A N9    1 
ATOM   232 C C8    . DG  A 1 12 ? 0.345   -4.445  -7.116  1.00 1.72  ? 12 DG  A C8    1 
ATOM   233 N N7    . DG  A 1 12 ? 0.058   -5.033  -5.989  1.00 1.22  ? 12 DG  A N7    1 
ATOM   234 C C5    . DG  A 1 12 ? 0.397   -4.087  -5.029  1.00 1.17  ? 12 DG  A C5    1 
ATOM   235 C C6    . DG  A 1 12 ? 0.311   -4.145  -3.616  1.00 0.56  ? 12 DG  A C6    1 
ATOM   236 O O6    . DG  A 1 12 ? -0.078  -5.091  -2.889  1.00 4.14  ? 12 DG  A O6    1 
ATOM   237 N N1    . DG  A 1 12 ? 0.742   -3.010  -2.999  1.00 1.74  ? 12 DG  A N1    1 
ATOM   238 C C2    . DG  A 1 12 ? 1.211   -1.915  -3.683  1.00 0.17  ? 12 DG  A C2    1 
ATOM   239 N N2    . DG  A 1 12 ? 1.560   -0.949  -2.783  1.00 0.06  ? 12 DG  A N2    1 
ATOM   240 N N3    . DG  A 1 12 ? 1.314   -1.784  -4.995  1.00 10.00 ? 12 DG  A N3    1 
ATOM   241 C C4    . DG  A 1 12 ? 0.891   -2.931  -5.610  1.00 1.44  ? 12 DG  A C4    1 
ATOM   242 P P     . DC  A 1 13 ? 0.967   2.647   -7.802  1.00 18.08 ? 13 DC  A P     1 
ATOM   243 O OP1   . DC  A 1 13 ? 1.124   3.633   -8.943  1.00 16.50 ? 13 DC  A OP1   1 
ATOM   244 O OP2   . DC  A 1 13 ? 2.112   2.621   -6.790  1.00 12.07 ? 13 DC  A OP2   1 
ATOM   245 O "O5'" . DC  A 1 13 ? -0.430  2.996   -7.127  1.00 9.96  ? 13 DC  A "O5'" 1 
ATOM   246 C "C5'" . DC  A 1 13 ? -0.826  4.344   -6.753  1.00 7.29  ? 13 DC  A "C5'" 1 
ATOM   247 C "C4'" . DC  A 1 13 ? -1.151  4.131   -5.281  1.00 5.16  ? 13 DC  A "C4'" 1 
ATOM   248 O "O4'" . DC  A 1 13 ? -1.952  3.014   -5.039  1.00 4.13  ? 13 DC  A "O4'" 1 
ATOM   249 C "C3'" . DC  A 1 13 ? 0.171   3.867   -4.579  1.00 5.88  ? 13 DC  A "C3'" 1 
ATOM   250 O "O3'" . DC  A 1 13 ? 0.305   4.606   -3.353  1.00 6.12  ? 13 DC  A "O3'" 1 
ATOM   251 C "C2'" . DC  A 1 13 ? 0.153   2.336   -4.466  1.00 2.81  ? 13 DC  A "C2'" 1 
ATOM   252 C "C1'" . DC  A 1 13 ? -1.293  2.146   -4.067  1.00 1.68  ? 13 DC  A "C1'" 1 
ATOM   253 N N1    . DC  A 1 13 ? -1.716  0.755   -4.147  1.00 0.54  ? 13 DC  A N1    1 
ATOM   254 C C2    . DC  A 1 13 ? -1.799  0.017   -2.982  1.00 0.76  ? 13 DC  A C2    1 
ATOM   255 O O2    . DC  A 1 13 ? -1.555  0.477   -1.904  1.00 0.82  ? 13 DC  A O2    1 
ATOM   256 N N3    . DC  A 1 13 ? -2.197  -1.288  -3.059  1.00 1.57  ? 13 DC  A N3    1 
ATOM   257 C C4    . DC  A 1 13 ? -2.491  -1.872  -4.248  1.00 1.60  ? 13 DC  A C4    1 
ATOM   258 N N4    . DC  A 1 13 ? -2.868  -3.149  -4.253  1.00 4.59  ? 13 DC  A N4    1 
ATOM   259 C C5    . DC  A 1 13 ? -2.399  -1.121  -5.450  1.00 1.35  ? 13 DC  A C5    1 
ATOM   260 C C6    . DC  A 1 13 ? -2.005  0.155   -5.322  1.00 10.00 ? 13 DC  A C6    1 
ATOM   261 P P     . DG  A 1 14 ? 0.688   6.153   -3.431  1.00 6.54  ? 14 DG  A P     1 
ATOM   262 O OP1   . DG  A 1 14 ? 1.994   6.455   -4.129  1.00 12.60 ? 14 DG  A OP1   1 
ATOM   263 O OP2   . DG  A 1 14 ? 0.748   6.703   -2.055  1.00 7.50  ? 14 DG  A OP2   1 
ATOM   264 O "O5'" . DG  A 1 14 ? -0.513  6.714   -4.299  1.00 9.30  ? 14 DG  A "O5'" 1 
ATOM   265 C "C5'" . DG  A 1 14 ? -1.535  7.537   -3.696  1.00 8.30  ? 14 DG  A "C5'" 1 
ATOM   266 C "C4'" . DG  A 1 14 ? -2.193  8.328   -4.824  1.00 6.72  ? 14 DG  A "C4'" 1 
ATOM   267 O "O4'" . DG  A 1 14 ? -2.171  7.672   -6.058  1.00 6.47  ? 14 DG  A "O4'" 1 
ATOM   268 C "C3'" . DG  A 1 14 ? -3.671  8.574   -4.514  1.00 6.92  ? 14 DG  A "C3'" 1 
ATOM   269 O "O3'" . DG  A 1 14 ? -3.789  9.969   -4.147  1.00 6.68  ? 14 DG  A "O3'" 1 
ATOM   270 C "C2'" . DG  A 1 14 ? -4.478  8.186   -5.722  1.00 4.42  ? 14 DG  A "C2'" 1 
ATOM   271 C "C1'" . DG  A 1 14 ? -3.454  7.677   -6.678  1.00 3.13  ? 14 DG  A "C1'" 1 
ATOM   272 N N9    . DG  A 1 14 ? -3.727  6.272   -6.989  1.00 4.44  ? 14 DG  A N9    1 
ATOM   273 C C8    . DG  A 1 14 ? -3.695  5.641   -8.195  1.00 4.75  ? 14 DG  A C8    1 
ATOM   274 N N7    . DG  A 1 14 ? -3.996  4.348   -8.115  1.00 3.91  ? 14 DG  A N7    1 
ATOM   275 C C5    . DG  A 1 14 ? -4.230  4.143   -6.762  1.00 2.56  ? 14 DG  A C5    1 
ATOM   276 C C6    . DG  A 1 14 ? -4.581  2.967   -6.045  1.00 2.18  ? 14 DG  A C6    1 
ATOM   277 O O6    . DG  A 1 14 ? -4.775  1.813   -6.471  1.00 10.00 ? 14 DG  A O6    1 
ATOM   278 N N1    . DG  A 1 14 ? -4.727  3.191   -4.706  1.00 0.74  ? 14 DG  A N1    1 
ATOM   279 C C2    . DG  A 1 14 ? -4.545  4.369   -4.122  1.00 10.00 ? 14 DG  A C2    1 
ATOM   280 N N2    . DG  A 1 14 ? -4.727  4.343   -2.792  1.00 3.43  ? 14 DG  A N2    1 
ATOM   281 N N3    . DG  A 1 14 ? -4.209  5.492   -4.726  1.00 0.85  ? 14 DG  A N3    1 
ATOM   282 C C4    . DG  A 1 14 ? -4.075  5.313   -6.054  1.00 3.06  ? 14 DG  A C4    1 
ATOM   283 P P     . DC  A 1 15 ? -4.307  10.153  -2.619  1.00 15.39 ? 15 DC  A P     1 
ATOM   284 O OP1   . DC  A 1 15 ? -4.262  11.602  -2.213  1.00 8.90  ? 15 DC  A OP1   1 
ATOM   285 O OP2   . DC  A 1 15 ? -3.581  9.163   -1.782  1.00 5.45  ? 15 DC  A OP2   1 
ATOM   286 O "O5'" . DC  A 1 15 ? -5.905  9.837   -2.830  1.00 6.07  ? 15 DC  A "O5'" 1 
ATOM   287 C "C5'" . DC  A 1 15 ? -6.725  10.461  -1.832  1.00 7.41  ? 15 DC  A "C5'" 1 
ATOM   288 C "C4'" . DC  A 1 15 ? -7.502  9.307   -1.260  1.00 7.04  ? 15 DC  A "C4'" 1 
ATOM   289 O "O4'" . DC  A 1 15 ? -8.188  8.623   -2.297  1.00 8.04  ? 15 DC  A "O4'" 1 
ATOM   290 C "C3'" . DC  A 1 15 ? -6.603  8.285   -0.578  1.00 4.70  ? 15 DC  A "C3'" 1 
ATOM   291 O "O3'" . DC  A 1 15 ? -7.022  8.022   0.717   1.00 3.19  ? 15 DC  A "O3'" 1 
ATOM   292 C "C2'" . DC  A 1 15 ? -6.710  7.036   -1.465  1.00 4.75  ? 15 DC  A "C2'" 1 
ATOM   293 C "C1'" . DC  A 1 15 ? -8.011  7.209   -2.171  1.00 1.12  ? 15 DC  A "C1'" 1 
ATOM   294 N N1    . DC  A 1 15 ? -7.912  6.586   -3.471  1.00 0.04  ? 15 DC  A N1    1 
ATOM   295 C C2    . DC  A 1 15 ? -8.125  5.242   -3.562  1.00 10.00 ? 15 DC  A C2    1 
ATOM   296 O O2    . DC  A 1 15 ? -8.415  4.477   -2.655  1.00 10.00 ? 15 DC  A O2    1 
ATOM   297 N N3    . DC  A 1 15 ? -8.029  4.676   -4.788  1.00 0.85  ? 15 DC  A N3    1 
ATOM   298 C C4    . DC  A 1 15 ? -7.719  5.430   -5.900  1.00 10.00 ? 15 DC  A C4    1 
ATOM   299 N N4    . DC  A 1 15 ? -7.644  4.699   -7.040  1.00 1.30  ? 15 DC  A N4    1 
ATOM   300 C C5    . DC  A 1 15 ? -7.479  6.830   -5.785  1.00 10.00 ? 15 DC  A C5    1 
ATOM   301 C C6    . DC  A 1 15 ? -7.576  7.371   -4.580  1.00 10.00 ? 15 DC  A C6    1 
ATOM   302 P P     . DG  A 1 16 ? -6.501  8.437   2.152   1.00 12.13 ? 16 DG  A P     1 
ATOM   303 O OP1   . DG  A 1 16 ? -5.045  8.149   2.410   1.00 8.66  ? 16 DG  A OP1   1 
ATOM   304 O OP2   . DG  A 1 16 ? -7.378  7.681   3.095   1.00 3.42  ? 16 DG  A OP2   1 
ATOM   305 O "O5'" . DG  A 1 16 ? -6.877  10.041  2.201   1.00 9.66  ? 16 DG  A "O5'" 1 
ATOM   306 C "C5'" . DG  A 1 16 ? -8.244  10.216  2.703   1.00 11.74 ? 16 DG  A "C5'" 1 
ATOM   307 C "C4'" . DG  A 1 16 ? -8.663  11.617  2.329   1.00 11.25 ? 16 DG  A "C4'" 1 
ATOM   308 O "O4'" . DG  A 1 16 ? -8.397  11.721  0.920   1.00 11.83 ? 16 DG  A "O4'" 1 
ATOM   309 C "C3'" . DG  A 1 16 ? -10.116 11.938  2.516   1.00 10.77 ? 16 DG  A "C3'" 1 
ATOM   310 O "O3'" . DG  A 1 16 ? -10.402 13.335  2.534   1.00 10.23 ? 16 DG  A "O3'" 1 
ATOM   311 C "C2'" . DG  A 1 16 ? -10.619 11.197  1.243   1.00 9.37  ? 16 DG  A "C2'" 1 
ATOM   312 C "C1'" . DG  A 1 16 ? -9.660  11.993  0.315   1.00 9.04  ? 16 DG  A "C1'" 1 
ATOM   313 N N9    . DG  A 1 16 ? -9.762  11.613  -1.081  1.00 8.96  ? 16 DG  A N9    1 
ATOM   314 C C8    . DG  A 1 16 ? -9.449  12.326  -2.222  1.00 6.62  ? 16 DG  A C8    1 
ATOM   315 N N7    . DG  A 1 16 ? -9.688  11.657  -3.340  1.00 6.18  ? 16 DG  A N7    1 
ATOM   316 C C5    . DG  A 1 16 ? -10.193 10.420  -2.907  1.00 6.98  ? 16 DG  A C5    1 
ATOM   317 C C6    . DG  A 1 16 ? -10.631 9.277   -3.587  1.00 4.07  ? 16 DG  A C6    1 
ATOM   318 O O6    . DG  A 1 16 ? -10.708 9.039   -4.763  1.00 4.44  ? 16 DG  A O6    1 
ATOM   319 N N1    . DG  A 1 16 ? -11.052 8.257   -2.793  1.00 5.70  ? 16 DG  A N1    1 
ATOM   320 C C2    . DG  A 1 16 ? -11.056 8.318   -1.431  1.00 7.89  ? 16 DG  A C2    1 
ATOM   321 N N2    . DG  A 1 16 ? -11.495 7.254   -0.755  1.00 7.07  ? 16 DG  A N2    1 
ATOM   322 N N3    . DG  A 1 16 ? -10.646 9.384   -0.747  1.00 9.07  ? 16 DG  A N3    1 
ATOM   323 C C4    . DG  A 1 16 ? -10.236 10.390  -1.530  1.00 7.13  ? 16 DG  A C4    1 
HETATM 324 O O     . HOH B 2 .  ? 10.746  -3.788  -5.276  1.00 24.65 ? 17 HOH A O     1 
HETATM 325 O O     . HOH B 2 .  ? 2.915   1.260   -1.949  1.00 25.44 ? 18 HOH A O     1 
HETATM 326 O O     . HOH B 2 .  ? -0.739  4.927   0.644   1.00 22.08 ? 19 HOH A O     1 
HETATM 327 O O     . HOH B 2 .  ? -0.600  9.034   0.069   1.00 7.34  ? 20 HOH A O     1 
HETATM 328 O O     . HOH B 2 .  ? -12.512 8.163   6.631   1.00 26.94 ? 21 HOH A O     1 
HETATM 329 O O     . HOH B 2 .  ? -1.946  10.435  1.840   1.00 41.56 ? 22 HOH A O     1 
HETATM 330 O O     . HOH B 2 .  ? -7.160  9.837   6.015   1.00 0.69  ? 23 HOH A O     1 
HETATM 331 O O     . HOH B 2 .  ? -8.711  1.531   6.963   1.00 16.85 ? 24 HOH A O     1 
HETATM 332 O O     . HOH B 2 .  ? -7.026  -7.631  3.495   1.00 18.47 ? 25 HOH A O     1 
HETATM 333 O O     . HOH B 2 .  ? -4.930  -7.046  -2.271  1.00 10.00 ? 26 HOH A O     1 
HETATM 334 O O     . HOH B 2 .  ? -3.843  3.562   6.144   1.00 4.74  ? 27 HOH A O     1 
HETATM 335 O O     . HOH B 2 .  ? 6.027   9.789   7.469   1.00 8.50  ? 28 HOH A O     1 
HETATM 336 O O     . HOH B 2 .  ? -7.634  -4.922  5.981   1.00 10.00 ? 29 HOH A O     1 
HETATM 337 O O     . HOH B 2 .  ? -5.413  -6.428  5.206   1.00 10.00 ? 30 HOH A O     1 
HETATM 338 O O     . HOH B 2 .  ? -1.403  1.584   3.784   1.00 10.00 ? 31 HOH A O     1 
HETATM 339 O O     . HOH B 2 .  ? -0.139  1.411   7.113   1.00 19.67 ? 32 HOH A O     1 
HETATM 340 O O     . HOH B 2 .  ? 4.296   1.190   9.175   1.00 23.94 ? 33 HOH A O     1 
HETATM 341 O O     . HOH B 2 .  ? 10.757  3.858   2.146   1.00 10.00 ? 34 HOH A O     1 
HETATM 342 O O     . HOH B 2 .  ? 7.847   1.333   10.092  1.00 17.27 ? 35 HOH A O     1 
HETATM 343 O O     . HOH B 2 .  ? 8.433   1.757   -4.345  1.00 25.96 ? 36 HOH A O     1 
HETATM 344 O O     . HOH B 2 .  ? 14.304  -4.985  6.015   1.00 3.89  ? 37 HOH A O     1 
HETATM 345 O O     . HOH B 2 .  ? 5.332   4.703   -7.709  1.00 43.57 ? 38 HOH A O     1 
HETATM 346 O O     . HOH B 2 .  ? 14.614  1.269   2.603   1.00 7.17  ? 39 HOH A O     1 
HETATM 347 O O     . HOH B 2 .  ? -2.148  2.539   0.468   1.00 34.97 ? 40 HOH A O     1 
HETATM 348 O O     . HOH B 2 .  ? -1.775  2.466   -9.961  1.00 8.02  ? 41 HOH A O     1 
HETATM 349 O O     . HOH B 2 .  ? -2.539  15.403  -0.852  1.00 7.40  ? 42 HOH A O     1 
HETATM 350 O O     . HOH B 2 .  ? -5.758  7.378   6.454   1.00 15.70 ? 43 HOH A O     1 
HETATM 351 O O     . HOH B 2 .  ? -10.438 0.986   1.227   1.00 16.87 ? 44 HOH A O     1 
HETATM 352 O O     . HOH B 2 .  ? -5.244  -9.279  1.305   1.00 6.40  ? 45 HOH A O     1 
HETATM 353 O O     . HOH B 2 .  ? 0.253   -8.417  -0.061  1.00 29.39 ? 46 HOH A O     1 
HETATM 354 O O     . HOH B 2 .  ? -4.787  1.282   10.700  1.00 19.72 ? 47 HOH A O     1 
HETATM 355 O O     . HOH B 2 .  ? 0.312   1.644   12.256  1.00 16.38 ? 48 HOH A O     1 
HETATM 356 O O     . HOH B 2 .  ? -10.569 0.163   5.817   1.00 38.57 ? 49 HOH A O     1 
HETATM 357 O O     . HOH B 2 .  ? -5.136  -2.174  8.613   1.00 39.95 ? 50 HOH A O     1 
HETATM 358 O O     . HOH B 2 .  ? -0.073  3.979   4.336   1.00 20.58 ? 51 HOH A O     1 
HETATM 359 O O     . HOH B 2 .  ? 6.051   5.673   7.564   1.00 14.44 ? 52 HOH A O     1 
HETATM 360 O O     . HOH B 2 .  ? 2.262   2.729   9.134   1.00 12.75 ? 53 HOH A O     1 
HETATM 361 O O     . HOH B 2 .  ? 6.695   3.959   1.839   1.00 21.51 ? 54 HOH A O     1 
HETATM 362 O O     . HOH B 2 .  ? 7.498   -5.090  9.410   1.00 5.98  ? 55 HOH A O     1 
HETATM 363 O O     . HOH B 2 .  ? 6.051   0.655   -0.514  1.00 9.14  ? 56 HOH A O     1 
HETATM 364 O O     . HOH B 2 .  ? -6.178  10.728  5.113   1.00 7.65  ? 57 HOH A O     1 
HETATM 365 O O     . HOH B 2 .  ? 3.510   5.186   -0.639  1.00 12.56 ? 58 HOH A O     1 
HETATM 366 O O     . HOH B 2 .  ? -7.215  5.482   1.285   1.00 24.70 ? 59 HOH A O     1 
HETATM 367 O O     . HOH B 2 .  ? -12.939 -3.880  -5.429  1.00 28.23 ? 60 HOH A O     1 
HETATM 368 O O     . HOH B 2 .  ? -0.661  4.863   -11.169 1.00 25.45 ? 61 HOH A O     1 
HETATM 369 O O     . HOH B 2 .  ? 1.447   7.568   -7.525  1.00 6.75  ? 62 HOH A O     1 
HETATM 370 O O     . HOH B 2 .  ? 3.677   7.384   5.760   1.00 20.45 ? 63 HOH A O     1 
HETATM 371 O O     . HOH B 2 .  ? 6.510   -17.361 -1.388  1.00 10.00 ? 64 HOH A O     1 
HETATM 372 O O     . HOH B 2 .  ? -13.297 -1.216  4.335   1.00 32.92 ? 65 HOH A O     1 
HETATM 373 O O     . HOH B 2 .  ? -1.831  -8.920  1.847   1.00 28.79 ? 66 HOH A O     1 
HETATM 374 O O     . HOH B 2 .  ? -12.289 2.777   3.419   1.00 29.87 ? 67 HOH A O     1 
HETATM 375 O O     . HOH B 2 .  ? -0.175  -7.064  4.806   1.00 10.00 ? 68 HOH A O     1 
HETATM 376 O O     . HOH B 2 .  ? -9.554  -1.730  4.394   1.00 0.53  ? 69 HOH A O     1 
HETATM 377 O O     . HOH B 2 .  ? -9.708  10.065  5.647   1.00 37.54 ? 70 HOH A O     1 
HETATM 378 O O     . HOH B 2 .  ? 5.590   5.770   5.063   1.00 20.44 ? 71 HOH A O     1 
HETATM 379 O O     . HOH B 2 .  ? -0.612  5.239   6.615   1.00 15.82 ? 72 HOH A O     1 
HETATM 380 O O     . HOH B 2 .  ? 7.900   -2.935  11.727  1.00 15.32 ? 73 HOH A O     1 
HETATM 381 O O     . HOH B 2 .  ? 10.138  0.799   -0.353  1.00 3.45  ? 74 HOH A O     1 
HETATM 382 O O     . HOH B 2 .  ? 7.885   5.441   9.484   1.00 7.85  ? 75 HOH A O     1 
HETATM 383 O O     . HOH B 2 .  ? -5.167  5.315   3.725   1.00 23.47 ? 76 HOH A O     1 
HETATM 384 O O     . HOH B 2 .  ? 2.442   -9.836  0.106   1.00 32.71 ? 77 HOH A O     1 
HETATM 385 O O     . HOH B 2 .  ? -5.889  11.835  0.308   1.00 28.09 ? 78 HOH A O     1 
HETATM 386 O O     . HOH B 2 .  ? -13.204 -3.002  -1.860  1.00 13.74 ? 79 HOH A O     1 
HETATM 387 O O     . HOH B 2 .  ? 6.693   5.671   -4.044  1.00 4.62  ? 80 HOH A O     1 
HETATM 388 O O     . HOH B 2 .  ? 7.237   8.125   10.100  1.00 18.68 ? 81 HOH A O     1 
HETATM 389 O O     . HOH B 2 .  ? 7.626   7.377   -1.869  1.00 3.52  ? 82 HOH A O     1 
HETATM 390 O O     . HOH B 2 .  ? -5.923  12.582  5.446   1.00 29.40 ? 83 HOH A O     1 
HETATM 391 O O     . HOH B 2 .  ? -5.380  3.315   8.168   1.00 2.01  ? 84 HOH A O     1 
HETATM 392 O O     . HOH B 2 .  ? 2.857   -7.817  -10.043 1.00 25.37 ? 85 HOH A O     1 
HETATM 393 O O     . HOH B 2 .  ? 1.340   -7.503  -3.003  1.00 10.93 ? 86 HOH A O     1 
# 
